data_1J4Y
# 
_entry.id   1J4Y 
# 
_audit_conform.dict_name       mmcif_pdbx.dic 
_audit_conform.dict_version    5.383 
_audit_conform.dict_location   http://mmcif.pdb.org/dictionaries/ascii/mmcif_pdbx.dic 
# 
loop_
_database_2.database_id 
_database_2.database_code 
_database_2.pdbx_database_accession 
_database_2.pdbx_DOI 
PDB   1J4Y         pdb_00001j4y 10.2210/pdb1j4y/pdb 
RCSB  RCSB001618   ?            ?                   
WWPDB D_1000001618 ?            ?                   
# 
loop_
_pdbx_audit_revision_history.ordinal 
_pdbx_audit_revision_history.data_content_type 
_pdbx_audit_revision_history.major_revision 
_pdbx_audit_revision_history.minor_revision 
_pdbx_audit_revision_history.revision_date 
1 'Structure model' 1 0 2002-07-17 
2 'Structure model' 1 1 2008-04-26 
3 'Structure model' 1 2 2011-07-13 
4 'Structure model' 1 3 2022-02-23 
5 'Structure model' 1 4 2023-12-27 
# 
_pdbx_audit_revision_details.ordinal             1 
_pdbx_audit_revision_details.revision_ordinal    1 
_pdbx_audit_revision_details.data_content_type   'Structure model' 
_pdbx_audit_revision_details.provider            repository 
_pdbx_audit_revision_details.type                'Initial release' 
_pdbx_audit_revision_details.description         ? 
_pdbx_audit_revision_details.details             ? 
# 
loop_
_pdbx_audit_revision_group.ordinal 
_pdbx_audit_revision_group.revision_ordinal 
_pdbx_audit_revision_group.data_content_type 
_pdbx_audit_revision_group.group 
1 2 'Structure model' 'Version format compliance' 
2 3 'Structure model' 'Version format compliance' 
3 4 'Structure model' 'Data collection'           
4 4 'Structure model' 'Database references'       
5 4 'Structure model' 'Derived calculations'      
6 4 'Structure model' 'Experimental preparation'  
7 5 'Structure model' 'Data collection'           
# 
loop_
_pdbx_audit_revision_category.ordinal 
_pdbx_audit_revision_category.revision_ordinal 
_pdbx_audit_revision_category.data_content_type 
_pdbx_audit_revision_category.category 
1 4 'Structure model' database_2                       
2 4 'Structure model' pdbx_nmr_exptl_sample_conditions 
3 4 'Structure model' pdbx_nmr_software                
4 4 'Structure model' pdbx_struct_assembly             
5 4 'Structure model' pdbx_struct_oper_list            
6 5 'Structure model' chem_comp_atom                   
7 5 'Structure model' chem_comp_bond                   
# 
loop_
_pdbx_audit_revision_item.ordinal 
_pdbx_audit_revision_item.revision_ordinal 
_pdbx_audit_revision_item.data_content_type 
_pdbx_audit_revision_item.item 
1 4 'Structure model' '_database_2.pdbx_DOI'                             
2 4 'Structure model' '_database_2.pdbx_database_accession'              
3 4 'Structure model' '_pdbx_nmr_exptl_sample_conditions.pressure_units' 
4 4 'Structure model' '_pdbx_nmr_software.name'                          
# 
_pdbx_database_status.status_code                     REL 
_pdbx_database_status.entry_id                        1J4Y 
_pdbx_database_status.recvd_initial_deposition_date   2001-12-12 
_pdbx_database_status.deposit_site                    RCSB 
_pdbx_database_status.process_site                    RCSB 
_pdbx_database_status.status_code_mr                  REL 
_pdbx_database_status.SG_entry                        . 
_pdbx_database_status.pdb_format_compatible           Y 
_pdbx_database_status.status_code_sf                  ? 
_pdbx_database_status.status_code_cs                  ? 
_pdbx_database_status.status_code_nmr_data            ? 
_pdbx_database_status.methods_development_category    ? 
# 
_pdbx_database_related.db_name        PDB 
_pdbx_database_related.db_id          1KKA 
_pdbx_database_related.details        '1KKA contains the ensemble' 
_pdbx_database_related.content_type   unspecified 
# 
loop_
_audit_author.name 
_audit_author.pdbx_ordinal 
'Cabello-Villegas, J.' 1 
'Winkler, M.E.'        2 
'Nikonowicz, E.P.'     3 
# 
_citation.id                        primary 
_citation.title                     
'Solution conformations of unmodified and A(37)N(6)-dimethylallyl modified anticodon stem-loops of Escherichia coli tRNA(Phe).' 
_citation.journal_abbrev            J.Mol.Biol. 
_citation.journal_volume            319 
_citation.page_first                1015 
_citation.page_last                 1034 
_citation.year                      2002 
_citation.journal_id_ASTM           JMOBAK 
_citation.country                   UK 
_citation.journal_id_ISSN           0022-2836 
_citation.journal_id_CSD            0070 
_citation.book_publisher            ? 
_citation.pdbx_database_id_PubMed   12079344 
_citation.pdbx_database_id_DOI      '10.1016/S0022-2836(02)00382-0' 
# 
loop_
_citation_author.citation_id 
_citation_author.name 
_citation_author.ordinal 
_citation_author.identifier_ORCID 
primary 'Cabello-Villegas, J.' 1 ? 
primary 'Winkler, M.E.'        2 ? 
primary 'Nikonowicz, E.P.'     3 ? 
# 
_entity.id                         1 
_entity.type                       polymer 
_entity.src_method                 syn 
_entity.pdbx_description           'anticodon stem-loop of tRNA(Phe)' 
_entity.formula_weight             5466.324 
_entity.pdbx_number_of_molecules   1 
_entity.pdbx_ec                    ? 
_entity.pdbx_mutation              ? 
_entity.pdbx_fragment              ? 
_entity.details                    ? 
# 
_entity_poly.entity_id                      1 
_entity_poly.type                           polyribonucleotide 
_entity_poly.nstd_linkage                   no 
_entity_poly.nstd_monomer                   no 
_entity_poly.pdbx_seq_one_letter_code       GGGGAUUGAAAAUCCCC 
_entity_poly.pdbx_seq_one_letter_code_can   GGGGAUUGAAAAUCCCC 
_entity_poly.pdbx_strand_id                 A 
_entity_poly.pdbx_target_identifier         ? 
# 
loop_
_entity_poly_seq.entity_id 
_entity_poly_seq.num 
_entity_poly_seq.mon_id 
_entity_poly_seq.hetero 
1 1  G n 
1 2  G n 
1 3  G n 
1 4  G n 
1 5  A n 
1 6  U n 
1 7  U n 
1 8  G n 
1 9  A n 
1 10 A n 
1 11 A n 
1 12 A n 
1 13 U n 
1 14 C n 
1 15 C n 
1 16 C n 
1 17 C n 
# 
_pdbx_entity_src_syn.entity_id              1 
_pdbx_entity_src_syn.pdbx_src_id            1 
_pdbx_entity_src_syn.pdbx_alt_source_flag   sample 
_pdbx_entity_src_syn.pdbx_beg_seq_num       ? 
_pdbx_entity_src_syn.pdbx_end_seq_num       ? 
_pdbx_entity_src_syn.organism_scientific    ? 
_pdbx_entity_src_syn.organism_common_name   ? 
_pdbx_entity_src_syn.ncbi_taxonomy_id       ? 
_pdbx_entity_src_syn.details                'T7 RNA polymerase in vitro transcription' 
# 
loop_
_chem_comp.id 
_chem_comp.type 
_chem_comp.mon_nstd_flag 
_chem_comp.name 
_chem_comp.pdbx_synonyms 
_chem_comp.formula 
_chem_comp.formula_weight 
A 'RNA linking' y "ADENOSINE-5'-MONOPHOSPHATE" ? 'C10 H14 N5 O7 P' 347.221 
C 'RNA linking' y "CYTIDINE-5'-MONOPHOSPHATE"  ? 'C9 H14 N3 O8 P'  323.197 
G 'RNA linking' y "GUANOSINE-5'-MONOPHOSPHATE" ? 'C10 H14 N5 O8 P' 363.221 
U 'RNA linking' y "URIDINE-5'-MONOPHOSPHATE"   ? 'C9 H13 N2 O9 P'  324.181 
# 
loop_
_pdbx_poly_seq_scheme.asym_id 
_pdbx_poly_seq_scheme.entity_id 
_pdbx_poly_seq_scheme.seq_id 
_pdbx_poly_seq_scheme.mon_id 
_pdbx_poly_seq_scheme.ndb_seq_num 
_pdbx_poly_seq_scheme.pdb_seq_num 
_pdbx_poly_seq_scheme.auth_seq_num 
_pdbx_poly_seq_scheme.pdb_mon_id 
_pdbx_poly_seq_scheme.auth_mon_id 
_pdbx_poly_seq_scheme.pdb_strand_id 
_pdbx_poly_seq_scheme.pdb_ins_code 
_pdbx_poly_seq_scheme.hetero 
A 1 1  G 1  1  1  G G A . n 
A 1 2  G 2  2  2  G G A . n 
A 1 3  G 3  3  3  G G A . n 
A 1 4  G 4  4  4  G G A . n 
A 1 5  A 5  5  5  A A A . n 
A 1 6  U 6  6  6  U U A . n 
A 1 7  U 7  7  7  U U A . n 
A 1 8  G 8  8  8  G G A . n 
A 1 9  A 9  9  9  A A A . n 
A 1 10 A 10 10 10 A A A . n 
A 1 11 A 11 11 11 A A A . n 
A 1 12 A 12 12 12 A A A . n 
A 1 13 U 13 13 13 U U A . n 
A 1 14 C 14 14 14 C C A . n 
A 1 15 C 15 15 15 C C A . n 
A 1 16 C 16 16 16 C C A . n 
A 1 17 C 17 17 17 C C A . n 
# 
_exptl.entry_id          1J4Y 
_exptl.method            'SOLUTION NMR' 
_exptl.crystals_number   ? 
# 
_exptl_crystal.id                    1 
_exptl_crystal.density_meas          ? 
_exptl_crystal.density_Matthews      ? 
_exptl_crystal.density_percent_sol   ? 
_exptl_crystal.description           ? 
# 
_diffrn.id                     1 
_diffrn.ambient_temp           ? 
_diffrn.ambient_temp_details   ? 
_diffrn.crystal_id             1 
# 
_diffrn_radiation.diffrn_id                        1 
_diffrn_radiation.wavelength_id                    1 
_diffrn_radiation.pdbx_monochromatic_or_laue_m_l   M 
_diffrn_radiation.monochromator                    ? 
_diffrn_radiation.pdbx_diffrn_protocol             'SINGLE WAVELENGTH' 
_diffrn_radiation.pdbx_scattering_type             ? 
# 
_diffrn_radiation_wavelength.id           1 
_diffrn_radiation_wavelength.wavelength   . 
_diffrn_radiation_wavelength.wt           1.0 
# 
_struct.entry_id                  1J4Y 
_struct.title                     'Solution Structure of the Unmodified Anticodon Stem-loop from E. coli tRNA(Phe)' 
_struct.pdbx_model_details        ? 
_struct.pdbx_CASP_flag            ? 
_struct.pdbx_model_type_details   ? 
# 
_struct_keywords.entry_id        1J4Y 
_struct_keywords.pdbx_keywords   RNA 
_struct_keywords.text            'RNA stem-loop, trinucleotide loop, hairpin, RNA' 
# 
_struct_asym.id                            A 
_struct_asym.pdbx_blank_PDB_chainid_flag   N 
_struct_asym.pdbx_modified                 N 
_struct_asym.entity_id                     1 
_struct_asym.details                       ? 
# 
_struct_ref.id                         1 
_struct_ref.entity_id                  1 
_struct_ref.db_name                    PDB 
_struct_ref.db_code                    1J4Y 
_struct_ref.pdbx_db_accession          1J4Y 
_struct_ref.pdbx_db_isoform            ? 
_struct_ref.pdbx_seq_one_letter_code   ? 
_struct_ref.pdbx_align_begin           ? 
# 
_struct_ref_seq.align_id                      1 
_struct_ref_seq.ref_id                        1 
_struct_ref_seq.pdbx_PDB_id_code              1J4Y 
_struct_ref_seq.pdbx_strand_id                A 
_struct_ref_seq.seq_align_beg                 1 
_struct_ref_seq.pdbx_seq_align_beg_ins_code   ? 
_struct_ref_seq.seq_align_end                 17 
_struct_ref_seq.pdbx_seq_align_end_ins_code   ? 
_struct_ref_seq.pdbx_db_accession             1J4Y 
_struct_ref_seq.db_align_beg                  1 
_struct_ref_seq.pdbx_db_align_beg_ins_code    ? 
_struct_ref_seq.db_align_end                  17 
_struct_ref_seq.pdbx_db_align_end_ins_code    ? 
_struct_ref_seq.pdbx_auth_seq_align_beg       1 
_struct_ref_seq.pdbx_auth_seq_align_end       17 
# 
_pdbx_struct_assembly.id                   1 
_pdbx_struct_assembly.details              author_defined_assembly 
_pdbx_struct_assembly.method_details       ? 
_pdbx_struct_assembly.oligomeric_details   monomeric 
_pdbx_struct_assembly.oligomeric_count     1 
# 
_pdbx_struct_assembly_gen.assembly_id       1 
_pdbx_struct_assembly_gen.oper_expression   1 
_pdbx_struct_assembly_gen.asym_id_list      A 
# 
_pdbx_struct_oper_list.id                   1 
_pdbx_struct_oper_list.type                 'identity operation' 
_pdbx_struct_oper_list.name                 1_555 
_pdbx_struct_oper_list.symmetry_operation   x,y,z 
_pdbx_struct_oper_list.matrix[1][1]         1.0000000000 
_pdbx_struct_oper_list.matrix[1][2]         0.0000000000 
_pdbx_struct_oper_list.matrix[1][3]         0.0000000000 
_pdbx_struct_oper_list.vector[1]            0.0000000000 
_pdbx_struct_oper_list.matrix[2][1]         0.0000000000 
_pdbx_struct_oper_list.matrix[2][2]         1.0000000000 
_pdbx_struct_oper_list.matrix[2][3]         0.0000000000 
_pdbx_struct_oper_list.vector[2]            0.0000000000 
_pdbx_struct_oper_list.matrix[3][1]         0.0000000000 
_pdbx_struct_oper_list.matrix[3][2]         0.0000000000 
_pdbx_struct_oper_list.matrix[3][3]         1.0000000000 
_pdbx_struct_oper_list.vector[3]            0.0000000000 
# 
_struct_biol.id   1 
# 
loop_
_struct_conn.id 
_struct_conn.conn_type_id 
_struct_conn.pdbx_leaving_atom_flag 
_struct_conn.pdbx_PDB_id 
_struct_conn.ptnr1_label_asym_id 
_struct_conn.ptnr1_label_comp_id 
_struct_conn.ptnr1_label_seq_id 
_struct_conn.ptnr1_label_atom_id 
_struct_conn.pdbx_ptnr1_label_alt_id 
_struct_conn.pdbx_ptnr1_PDB_ins_code 
_struct_conn.pdbx_ptnr1_standard_comp_id 
_struct_conn.ptnr1_symmetry 
_struct_conn.ptnr2_label_asym_id 
_struct_conn.ptnr2_label_comp_id 
_struct_conn.ptnr2_label_seq_id 
_struct_conn.ptnr2_label_atom_id 
_struct_conn.pdbx_ptnr2_label_alt_id 
_struct_conn.pdbx_ptnr2_PDB_ins_code 
_struct_conn.ptnr1_auth_asym_id 
_struct_conn.ptnr1_auth_comp_id 
_struct_conn.ptnr1_auth_seq_id 
_struct_conn.ptnr2_auth_asym_id 
_struct_conn.ptnr2_auth_comp_id 
_struct_conn.ptnr2_auth_seq_id 
_struct_conn.ptnr2_symmetry 
_struct_conn.pdbx_ptnr3_label_atom_id 
_struct_conn.pdbx_ptnr3_label_seq_id 
_struct_conn.pdbx_ptnr3_label_comp_id 
_struct_conn.pdbx_ptnr3_label_asym_id 
_struct_conn.pdbx_ptnr3_label_alt_id 
_struct_conn.pdbx_ptnr3_PDB_ins_code 
_struct_conn.details 
_struct_conn.pdbx_dist_value 
_struct_conn.pdbx_value_order 
_struct_conn.pdbx_role 
hydrog1  hydrog ? ? A G 1 N1 ? ? ? 1_555 A C 17 N3 ? ? A G 1 A C 17 1_555 ? ? ? ? ? ? WATSON-CRICK ? ? ? 
hydrog2  hydrog ? ? A G 1 N2 ? ? ? 1_555 A C 17 O2 ? ? A G 1 A C 17 1_555 ? ? ? ? ? ? WATSON-CRICK ? ? ? 
hydrog3  hydrog ? ? A G 1 O6 ? ? ? 1_555 A C 17 N4 ? ? A G 1 A C 17 1_555 ? ? ? ? ? ? WATSON-CRICK ? ? ? 
hydrog4  hydrog ? ? A G 2 N1 ? ? ? 1_555 A C 16 N3 ? ? A G 2 A C 16 1_555 ? ? ? ? ? ? WATSON-CRICK ? ? ? 
hydrog5  hydrog ? ? A G 2 N2 ? ? ? 1_555 A C 16 O2 ? ? A G 2 A C 16 1_555 ? ? ? ? ? ? WATSON-CRICK ? ? ? 
hydrog6  hydrog ? ? A G 2 O6 ? ? ? 1_555 A C 16 N4 ? ? A G 2 A C 16 1_555 ? ? ? ? ? ? WATSON-CRICK ? ? ? 
hydrog7  hydrog ? ? A G 2 N1 ? ? ? 1_555 A C 17 N3 ? ? A G 2 A C 17 1_555 ? ? ? ? ? ? WATSON-CRICK ? ? ? 
hydrog8  hydrog ? ? A G 2 N2 ? ? ? 1_555 A C 17 O2 ? ? A G 2 A C 17 1_555 ? ? ? ? ? ? WATSON-CRICK ? ? ? 
hydrog9  hydrog ? ? A G 2 O6 ? ? ? 1_555 A C 17 N4 ? ? A G 2 A C 17 1_555 ? ? ? ? ? ? WATSON-CRICK ? ? ? 
hydrog10 hydrog ? ? A G 3 N1 ? ? ? 1_555 A C 15 N3 ? ? A G 3 A C 15 1_555 ? ? ? ? ? ? WATSON-CRICK ? ? ? 
hydrog11 hydrog ? ? A G 3 N2 ? ? ? 1_555 A C 15 O2 ? ? A G 3 A C 15 1_555 ? ? ? ? ? ? WATSON-CRICK ? ? ? 
hydrog12 hydrog ? ? A G 3 O6 ? ? ? 1_555 A C 15 N4 ? ? A G 3 A C 15 1_555 ? ? ? ? ? ? WATSON-CRICK ? ? ? 
hydrog13 hydrog ? ? A G 4 N1 ? ? ? 1_555 A C 14 N3 ? ? A G 4 A C 14 1_555 ? ? ? ? ? ? WATSON-CRICK ? ? ? 
hydrog14 hydrog ? ? A G 4 N2 ? ? ? 1_555 A C 14 O2 ? ? A G 4 A C 14 1_555 ? ? ? ? ? ? WATSON-CRICK ? ? ? 
hydrog15 hydrog ? ? A G 4 O6 ? ? ? 1_555 A C 14 N4 ? ? A G 4 A C 14 1_555 ? ? ? ? ? ? WATSON-CRICK ? ? ? 
hydrog16 hydrog ? ? A A 5 N1 ? ? ? 1_555 A U 13 N3 ? ? A A 5 A U 13 1_555 ? ? ? ? ? ? WATSON-CRICK ? ? ? 
hydrog17 hydrog ? ? A A 5 N6 ? ? ? 1_555 A U 13 O4 ? ? A A 5 A U 13 1_555 ? ? ? ? ? ? WATSON-CRICK ? ? ? 
hydrog18 hydrog ? ? A U 6 N3 ? ? ? 1_555 A A 12 N1 ? ? A U 6 A A 12 1_555 ? ? ? ? ? ? WATSON-CRICK ? ? ? 
hydrog19 hydrog ? ? A U 6 O4 ? ? ? 1_555 A A 12 N6 ? ? A U 6 A A 12 1_555 ? ? ? ? ? ? WATSON-CRICK ? ? ? 
hydrog20 hydrog ? ? A U 7 O2 ? ? ? 1_555 A A 10 N6 ? ? A U 7 A A 10 1_555 ? ? ? ? ? ? 'U-A PAIR'   ? ? ? 
hydrog21 hydrog ? ? A U 7 N3 ? ? ? 1_555 A A 11 N1 ? ? A U 7 A A 11 1_555 ? ? ? ? ? ? 'U-A PAIR'   ? ? ? 
# 
_struct_conn_type.id          hydrog 
_struct_conn_type.criteria    ? 
_struct_conn_type.reference   ? 
# 
loop_
_pdbx_validate_rmsd_angle.id 
_pdbx_validate_rmsd_angle.PDB_model_num 
_pdbx_validate_rmsd_angle.auth_atom_id_1 
_pdbx_validate_rmsd_angle.auth_asym_id_1 
_pdbx_validate_rmsd_angle.auth_comp_id_1 
_pdbx_validate_rmsd_angle.auth_seq_id_1 
_pdbx_validate_rmsd_angle.PDB_ins_code_1 
_pdbx_validate_rmsd_angle.label_alt_id_1 
_pdbx_validate_rmsd_angle.auth_atom_id_2 
_pdbx_validate_rmsd_angle.auth_asym_id_2 
_pdbx_validate_rmsd_angle.auth_comp_id_2 
_pdbx_validate_rmsd_angle.auth_seq_id_2 
_pdbx_validate_rmsd_angle.PDB_ins_code_2 
_pdbx_validate_rmsd_angle.label_alt_id_2 
_pdbx_validate_rmsd_angle.auth_atom_id_3 
_pdbx_validate_rmsd_angle.auth_asym_id_3 
_pdbx_validate_rmsd_angle.auth_comp_id_3 
_pdbx_validate_rmsd_angle.auth_seq_id_3 
_pdbx_validate_rmsd_angle.PDB_ins_code_3 
_pdbx_validate_rmsd_angle.label_alt_id_3 
_pdbx_validate_rmsd_angle.angle_value 
_pdbx_validate_rmsd_angle.angle_target_value 
_pdbx_validate_rmsd_angle.angle_deviation 
_pdbx_validate_rmsd_angle.angle_standard_deviation 
_pdbx_validate_rmsd_angle.linker_flag 
1  1 N7 A G 1  ? ? C8 A G 1  ? ? N9 A G 1  ? ? 117.57 113.10 4.47  0.50 N 
2  1 C8 A G 1  ? ? N9 A G 1  ? ? C4 A G 1  ? ? 103.81 106.40 -2.59 0.40 N 
3  1 N7 A G 2  ? ? C8 A G 2  ? ? N9 A G 2  ? ? 117.64 113.10 4.54  0.50 N 
4  1 C8 A G 2  ? ? N9 A G 2  ? ? C4 A G 2  ? ? 103.74 106.40 -2.66 0.40 N 
5  1 N7 A G 3  ? ? C8 A G 3  ? ? N9 A G 3  ? ? 117.64 113.10 4.54  0.50 N 
6  1 C8 A G 3  ? ? N9 A G 3  ? ? C4 A G 3  ? ? 103.70 106.40 -2.70 0.40 N 
7  1 N7 A G 4  ? ? C8 A G 4  ? ? N9 A G 4  ? ? 117.61 113.10 4.51  0.50 N 
8  1 C8 A G 4  ? ? N9 A G 4  ? ? C4 A G 4  ? ? 103.69 106.40 -2.71 0.40 N 
9  1 N7 A A 5  ? ? C8 A A 5  ? ? N9 A A 5  ? ? 117.52 113.80 3.72  0.50 N 
10 1 N7 A G 8  ? ? C8 A G 8  ? ? N9 A G 8  ? ? 117.66 113.10 4.56  0.50 N 
11 1 C8 A G 8  ? ? N9 A G 8  ? ? C4 A G 8  ? ? 103.72 106.40 -2.68 0.40 N 
12 1 N7 A A 9  ? ? C8 A A 9  ? ? N9 A A 9  ? ? 117.54 113.80 3.74  0.50 N 
13 1 N7 A A 10 ? ? C8 A A 10 ? ? N9 A A 10 ? ? 117.35 113.80 3.55  0.50 N 
14 1 N7 A A 11 ? ? C8 A A 11 ? ? N9 A A 11 ? ? 117.56 113.80 3.76  0.50 N 
15 1 N7 A A 12 ? ? C8 A A 12 ? ? N9 A A 12 ? ? 117.58 113.80 3.78  0.50 N 
# 
_pdbx_nmr_ensemble.entry_id                             1J4Y 
_pdbx_nmr_ensemble.conformers_calculated_total_number   ? 
_pdbx_nmr_ensemble.conformers_submitted_total_number    1 
_pdbx_nmr_ensemble.conformer_selection_criteria         ? 
# 
_pdbx_nmr_sample_details.solution_id      1 
_pdbx_nmr_sample_details.contents         '2mM ACSL-Phe, 15N, 13C' 
_pdbx_nmr_sample_details.solvent_system   
;10 mM Potassium Phosphate, 10mM NaCl, 0.02mM EDTA. 
90% H2O-10% D2O or 100% D2O.
;
# 
loop_
_pdbx_nmr_exptl_sample_conditions.conditions_id 
_pdbx_nmr_exptl_sample_conditions.temperature 
_pdbx_nmr_exptl_sample_conditions.pressure 
_pdbx_nmr_exptl_sample_conditions.pH 
_pdbx_nmr_exptl_sample_conditions.ionic_strength 
_pdbx_nmr_exptl_sample_conditions.pressure_units 
_pdbx_nmr_exptl_sample_conditions.temperature_units 
1 298 1 6.8 '10 mM KPi, 10mM NaCl' atm K 
2 288 1 6.8 '10 mM KPi, 10mM NaCl' atm K 
# 
loop_
_pdbx_nmr_exptl.experiment_id 
_pdbx_nmr_exptl.solution_id 
_pdbx_nmr_exptl.conditions_id 
_pdbx_nmr_exptl.type 
1 1 1 3D_15N-separated_NOESY 
2 1 1 3D_13C-separated_NOESY 
3 1 1 DQF-COSY               
4 1 1 HNN-COSY               
# 
_pdbx_nmr_details.entry_id   1J4Y 
_pdbx_nmr_details.text       'The structure was determined using 1H, 13C, 15N and 31P heteronuclear NMR spectroscopy.' 
# 
_pdbx_nmr_refine.entry_id           1J4Y 
_pdbx_nmr_refine.method             'simulated annealing' 
_pdbx_nmr_refine.details            
;294 NOE distance constraints, 36 base pair constraints, 70 torsion angle constraints. Global fold without torsion angle constraints. Refinement with torsion angle constraints.
;
_pdbx_nmr_refine.software_ordinal   1 
# 
loop_
_pdbx_nmr_software.name 
_pdbx_nmr_software.version 
_pdbx_nmr_software.classification 
_pdbx_nmr_software.authors 
_pdbx_nmr_software.ordinal 
X-PLOR 3.861 refinement           'Brunger, A.' 1 
Felix  98    'data analysis'      MSI-Biosym    2 
X-PLOR 3.1   'structure solution' Brunger       3 
# 
loop_
_chem_comp_atom.comp_id 
_chem_comp_atom.atom_id 
_chem_comp_atom.type_symbol 
_chem_comp_atom.pdbx_aromatic_flag 
_chem_comp_atom.pdbx_stereo_config 
_chem_comp_atom.pdbx_ordinal 
A OP3    O N N 1   
A P      P N N 2   
A OP1    O N N 3   
A OP2    O N N 4   
A "O5'"  O N N 5   
A "C5'"  C N N 6   
A "C4'"  C N R 7   
A "O4'"  O N N 8   
A "C3'"  C N S 9   
A "O3'"  O N N 10  
A "C2'"  C N R 11  
A "O2'"  O N N 12  
A "C1'"  C N R 13  
A N9     N Y N 14  
A C8     C Y N 15  
A N7     N Y N 16  
A C5     C Y N 17  
A C6     C Y N 18  
A N6     N N N 19  
A N1     N Y N 20  
A C2     C Y N 21  
A N3     N Y N 22  
A C4     C Y N 23  
A HOP3   H N N 24  
A HOP2   H N N 25  
A "H5'"  H N N 26  
A "H5''" H N N 27  
A "H4'"  H N N 28  
A "H3'"  H N N 29  
A "HO3'" H N N 30  
A "H2'"  H N N 31  
A "HO2'" H N N 32  
A "H1'"  H N N 33  
A H8     H N N 34  
A H61    H N N 35  
A H62    H N N 36  
A H2     H N N 37  
C OP3    O N N 38  
C P      P N N 39  
C OP1    O N N 40  
C OP2    O N N 41  
C "O5'"  O N N 42  
C "C5'"  C N N 43  
C "C4'"  C N R 44  
C "O4'"  O N N 45  
C "C3'"  C N S 46  
C "O3'"  O N N 47  
C "C2'"  C N R 48  
C "O2'"  O N N 49  
C "C1'"  C N R 50  
C N1     N N N 51  
C C2     C N N 52  
C O2     O N N 53  
C N3     N N N 54  
C C4     C N N 55  
C N4     N N N 56  
C C5     C N N 57  
C C6     C N N 58  
C HOP3   H N N 59  
C HOP2   H N N 60  
C "H5'"  H N N 61  
C "H5''" H N N 62  
C "H4'"  H N N 63  
C "H3'"  H N N 64  
C "HO3'" H N N 65  
C "H2'"  H N N 66  
C "HO2'" H N N 67  
C "H1'"  H N N 68  
C H41    H N N 69  
C H42    H N N 70  
C H5     H N N 71  
C H6     H N N 72  
G OP3    O N N 73  
G P      P N N 74  
G OP1    O N N 75  
G OP2    O N N 76  
G "O5'"  O N N 77  
G "C5'"  C N N 78  
G "C4'"  C N R 79  
G "O4'"  O N N 80  
G "C3'"  C N S 81  
G "O3'"  O N N 82  
G "C2'"  C N R 83  
G "O2'"  O N N 84  
G "C1'"  C N R 85  
G N9     N Y N 86  
G C8     C Y N 87  
G N7     N Y N 88  
G C5     C Y N 89  
G C6     C N N 90  
G O6     O N N 91  
G N1     N N N 92  
G C2     C N N 93  
G N2     N N N 94  
G N3     N N N 95  
G C4     C Y N 96  
G HOP3   H N N 97  
G HOP2   H N N 98  
G "H5'"  H N N 99  
G "H5''" H N N 100 
G "H4'"  H N N 101 
G "H3'"  H N N 102 
G "HO3'" H N N 103 
G "H2'"  H N N 104 
G "HO2'" H N N 105 
G "H1'"  H N N 106 
G H8     H N N 107 
G H1     H N N 108 
G H21    H N N 109 
G H22    H N N 110 
U OP3    O N N 111 
U P      P N N 112 
U OP1    O N N 113 
U OP2    O N N 114 
U "O5'"  O N N 115 
U "C5'"  C N N 116 
U "C4'"  C N R 117 
U "O4'"  O N N 118 
U "C3'"  C N S 119 
U "O3'"  O N N 120 
U "C2'"  C N R 121 
U "O2'"  O N N 122 
U "C1'"  C N R 123 
U N1     N N N 124 
U C2     C N N 125 
U O2     O N N 126 
U N3     N N N 127 
U C4     C N N 128 
U O4     O N N 129 
U C5     C N N 130 
U C6     C N N 131 
U HOP3   H N N 132 
U HOP2   H N N 133 
U "H5'"  H N N 134 
U "H5''" H N N 135 
U "H4'"  H N N 136 
U "H3'"  H N N 137 
U "HO3'" H N N 138 
U "H2'"  H N N 139 
U "HO2'" H N N 140 
U "H1'"  H N N 141 
U H3     H N N 142 
U H5     H N N 143 
U H6     H N N 144 
# 
loop_
_chem_comp_bond.comp_id 
_chem_comp_bond.atom_id_1 
_chem_comp_bond.atom_id_2 
_chem_comp_bond.value_order 
_chem_comp_bond.pdbx_aromatic_flag 
_chem_comp_bond.pdbx_stereo_config 
_chem_comp_bond.pdbx_ordinal 
A OP3   P      sing N N 1   
A OP3   HOP3   sing N N 2   
A P     OP1    doub N N 3   
A P     OP2    sing N N 4   
A P     "O5'"  sing N N 5   
A OP2   HOP2   sing N N 6   
A "O5'" "C5'"  sing N N 7   
A "C5'" "C4'"  sing N N 8   
A "C5'" "H5'"  sing N N 9   
A "C5'" "H5''" sing N N 10  
A "C4'" "O4'"  sing N N 11  
A "C4'" "C3'"  sing N N 12  
A "C4'" "H4'"  sing N N 13  
A "O4'" "C1'"  sing N N 14  
A "C3'" "O3'"  sing N N 15  
A "C3'" "C2'"  sing N N 16  
A "C3'" "H3'"  sing N N 17  
A "O3'" "HO3'" sing N N 18  
A "C2'" "O2'"  sing N N 19  
A "C2'" "C1'"  sing N N 20  
A "C2'" "H2'"  sing N N 21  
A "O2'" "HO2'" sing N N 22  
A "C1'" N9     sing N N 23  
A "C1'" "H1'"  sing N N 24  
A N9    C8     sing Y N 25  
A N9    C4     sing Y N 26  
A C8    N7     doub Y N 27  
A C8    H8     sing N N 28  
A N7    C5     sing Y N 29  
A C5    C6     sing Y N 30  
A C5    C4     doub Y N 31  
A C6    N6     sing N N 32  
A C6    N1     doub Y N 33  
A N6    H61    sing N N 34  
A N6    H62    sing N N 35  
A N1    C2     sing Y N 36  
A C2    N3     doub Y N 37  
A C2    H2     sing N N 38  
A N3    C4     sing Y N 39  
C OP3   P      sing N N 40  
C OP3   HOP3   sing N N 41  
C P     OP1    doub N N 42  
C P     OP2    sing N N 43  
C P     "O5'"  sing N N 44  
C OP2   HOP2   sing N N 45  
C "O5'" "C5'"  sing N N 46  
C "C5'" "C4'"  sing N N 47  
C "C5'" "H5'"  sing N N 48  
C "C5'" "H5''" sing N N 49  
C "C4'" "O4'"  sing N N 50  
C "C4'" "C3'"  sing N N 51  
C "C4'" "H4'"  sing N N 52  
C "O4'" "C1'"  sing N N 53  
C "C3'" "O3'"  sing N N 54  
C "C3'" "C2'"  sing N N 55  
C "C3'" "H3'"  sing N N 56  
C "O3'" "HO3'" sing N N 57  
C "C2'" "O2'"  sing N N 58  
C "C2'" "C1'"  sing N N 59  
C "C2'" "H2'"  sing N N 60  
C "O2'" "HO2'" sing N N 61  
C "C1'" N1     sing N N 62  
C "C1'" "H1'"  sing N N 63  
C N1    C2     sing N N 64  
C N1    C6     sing N N 65  
C C2    O2     doub N N 66  
C C2    N3     sing N N 67  
C N3    C4     doub N N 68  
C C4    N4     sing N N 69  
C C4    C5     sing N N 70  
C N4    H41    sing N N 71  
C N4    H42    sing N N 72  
C C5    C6     doub N N 73  
C C5    H5     sing N N 74  
C C6    H6     sing N N 75  
G OP3   P      sing N N 76  
G OP3   HOP3   sing N N 77  
G P     OP1    doub N N 78  
G P     OP2    sing N N 79  
G P     "O5'"  sing N N 80  
G OP2   HOP2   sing N N 81  
G "O5'" "C5'"  sing N N 82  
G "C5'" "C4'"  sing N N 83  
G "C5'" "H5'"  sing N N 84  
G "C5'" "H5''" sing N N 85  
G "C4'" "O4'"  sing N N 86  
G "C4'" "C3'"  sing N N 87  
G "C4'" "H4'"  sing N N 88  
G "O4'" "C1'"  sing N N 89  
G "C3'" "O3'"  sing N N 90  
G "C3'" "C2'"  sing N N 91  
G "C3'" "H3'"  sing N N 92  
G "O3'" "HO3'" sing N N 93  
G "C2'" "O2'"  sing N N 94  
G "C2'" "C1'"  sing N N 95  
G "C2'" "H2'"  sing N N 96  
G "O2'" "HO2'" sing N N 97  
G "C1'" N9     sing N N 98  
G "C1'" "H1'"  sing N N 99  
G N9    C8     sing Y N 100 
G N9    C4     sing Y N 101 
G C8    N7     doub Y N 102 
G C8    H8     sing N N 103 
G N7    C5     sing Y N 104 
G C5    C6     sing N N 105 
G C5    C4     doub Y N 106 
G C6    O6     doub N N 107 
G C6    N1     sing N N 108 
G N1    C2     sing N N 109 
G N1    H1     sing N N 110 
G C2    N2     sing N N 111 
G C2    N3     doub N N 112 
G N2    H21    sing N N 113 
G N2    H22    sing N N 114 
G N3    C4     sing N N 115 
U OP3   P      sing N N 116 
U OP3   HOP3   sing N N 117 
U P     OP1    doub N N 118 
U P     OP2    sing N N 119 
U P     "O5'"  sing N N 120 
U OP2   HOP2   sing N N 121 
U "O5'" "C5'"  sing N N 122 
U "C5'" "C4'"  sing N N 123 
U "C5'" "H5'"  sing N N 124 
U "C5'" "H5''" sing N N 125 
U "C4'" "O4'"  sing N N 126 
U "C4'" "C3'"  sing N N 127 
U "C4'" "H4'"  sing N N 128 
U "O4'" "C1'"  sing N N 129 
U "C3'" "O3'"  sing N N 130 
U "C3'" "C2'"  sing N N 131 
U "C3'" "H3'"  sing N N 132 
U "O3'" "HO3'" sing N N 133 
U "C2'" "O2'"  sing N N 134 
U "C2'" "C1'"  sing N N 135 
U "C2'" "H2'"  sing N N 136 
U "O2'" "HO2'" sing N N 137 
U "C1'" N1     sing N N 138 
U "C1'" "H1'"  sing N N 139 
U N1    C2     sing N N 140 
U N1    C6     sing N N 141 
U C2    O2     doub N N 142 
U C2    N3     sing N N 143 
U N3    C4     sing N N 144 
U N3    H3     sing N N 145 
U C4    O4     doub N N 146 
U C4    C5     sing N N 147 
U C5    C6     doub N N 148 
U C5    H5     sing N N 149 
U C6    H6     sing N N 150 
# 
loop_
_ndb_struct_conf_na.entry_id 
_ndb_struct_conf_na.feature 
1J4Y 'double helix'        
1J4Y 'a-form double helix' 
1J4Y 'internal loop'       
# 
loop_
_ndb_struct_na_base_pair.model_number 
_ndb_struct_na_base_pair.i_label_asym_id 
_ndb_struct_na_base_pair.i_label_comp_id 
_ndb_struct_na_base_pair.i_label_seq_id 
_ndb_struct_na_base_pair.i_symmetry 
_ndb_struct_na_base_pair.j_label_asym_id 
_ndb_struct_na_base_pair.j_label_comp_id 
_ndb_struct_na_base_pair.j_label_seq_id 
_ndb_struct_na_base_pair.j_symmetry 
_ndb_struct_na_base_pair.shear 
_ndb_struct_na_base_pair.stretch 
_ndb_struct_na_base_pair.stagger 
_ndb_struct_na_base_pair.buckle 
_ndb_struct_na_base_pair.propeller 
_ndb_struct_na_base_pair.opening 
_ndb_struct_na_base_pair.pair_number 
_ndb_struct_na_base_pair.pair_name 
_ndb_struct_na_base_pair.i_auth_asym_id 
_ndb_struct_na_base_pair.i_auth_seq_id 
_ndb_struct_na_base_pair.i_PDB_ins_code 
_ndb_struct_na_base_pair.j_auth_asym_id 
_ndb_struct_na_base_pair.j_auth_seq_id 
_ndb_struct_na_base_pair.j_PDB_ins_code 
_ndb_struct_na_base_pair.hbond_type_28 
_ndb_struct_na_base_pair.hbond_type_12 
1 A G 1 1_555 A C 17 1_555 -0.459 -0.531 -1.274 -13.752 -4.119  -3.272 1 A_G1:C17_A A 1 ? A 17 ? 19 1 
1 A G 2 1_555 A C 16 1_555 -0.017 -0.196 -0.218 -2.803  12.085  -1.740 2 A_G2:C16_A A 2 ? A 16 ? 19 1 
1 A G 3 1_555 A C 15 1_555 0.133  0.044  -0.534 -23.359 -3.786  -4.287 3 A_G3:C15_A A 3 ? A 15 ? 19 1 
1 A G 4 1_555 A C 14 1_555 0.407  -0.002 -0.775 -8.709  -7.071  -0.609 4 A_G4:C14_A A 4 ? A 14 ? 19 1 
1 A A 5 1_555 A U 13 1_555 0.121  -0.025 -1.016 -17.666 -21.510 2.716  5 A_A5:U13_A A 5 ? A 13 ? 20 1 
1 A U 6 1_555 A A 12 1_555 0.613  -0.102 0.688  -23.210 -15.197 1.557  6 A_U6:A12_A A 6 ? A 12 ? 20 1 
1 A U 7 1_555 A A 11 1_555 2.382  -0.149 1.678  -26.473 20.618  45.988 7 A_U7:A11_A A 7 ? A 11 ? ?  1 
# 
loop_
_ndb_struct_na_base_pair_step.model_number 
_ndb_struct_na_base_pair_step.i_label_asym_id_1 
_ndb_struct_na_base_pair_step.i_label_comp_id_1 
_ndb_struct_na_base_pair_step.i_label_seq_id_1 
_ndb_struct_na_base_pair_step.i_symmetry_1 
_ndb_struct_na_base_pair_step.j_label_asym_id_1 
_ndb_struct_na_base_pair_step.j_label_comp_id_1 
_ndb_struct_na_base_pair_step.j_label_seq_id_1 
_ndb_struct_na_base_pair_step.j_symmetry_1 
_ndb_struct_na_base_pair_step.i_label_asym_id_2 
_ndb_struct_na_base_pair_step.i_label_comp_id_2 
_ndb_struct_na_base_pair_step.i_label_seq_id_2 
_ndb_struct_na_base_pair_step.i_symmetry_2 
_ndb_struct_na_base_pair_step.j_label_asym_id_2 
_ndb_struct_na_base_pair_step.j_label_comp_id_2 
_ndb_struct_na_base_pair_step.j_label_seq_id_2 
_ndb_struct_na_base_pair_step.j_symmetry_2 
_ndb_struct_na_base_pair_step.shift 
_ndb_struct_na_base_pair_step.slide 
_ndb_struct_na_base_pair_step.rise 
_ndb_struct_na_base_pair_step.tilt 
_ndb_struct_na_base_pair_step.roll 
_ndb_struct_na_base_pair_step.twist 
_ndb_struct_na_base_pair_step.x_displacement 
_ndb_struct_na_base_pair_step.y_displacement 
_ndb_struct_na_base_pair_step.helical_rise 
_ndb_struct_na_base_pair_step.inclination 
_ndb_struct_na_base_pair_step.tip 
_ndb_struct_na_base_pair_step.helical_twist 
_ndb_struct_na_base_pair_step.step_number 
_ndb_struct_na_base_pair_step.step_name 
_ndb_struct_na_base_pair_step.i_auth_asym_id_1 
_ndb_struct_na_base_pair_step.i_auth_seq_id_1 
_ndb_struct_na_base_pair_step.i_PDB_ins_code_1 
_ndb_struct_na_base_pair_step.j_auth_asym_id_1 
_ndb_struct_na_base_pair_step.j_auth_seq_id_1 
_ndb_struct_na_base_pair_step.j_PDB_ins_code_1 
_ndb_struct_na_base_pair_step.i_auth_asym_id_2 
_ndb_struct_na_base_pair_step.i_auth_seq_id_2 
_ndb_struct_na_base_pair_step.i_PDB_ins_code_2 
_ndb_struct_na_base_pair_step.j_auth_asym_id_2 
_ndb_struct_na_base_pair_step.j_auth_seq_id_2 
_ndb_struct_na_base_pair_step.j_PDB_ins_code_2 
1 A G 1 1_555 A C 17 1_555 A G 2 1_555 A C 16 1_555 -0.876 -1.378 3.004 -4.695  8.951   22.570 -5.588 0.805  2.419 21.535  11.295 
24.703 1 AA_G1G2:C16C17_AA A 1 ? A 17 ? A 2 ? A 16 ? 
1 A G 2 1_555 A C 16 1_555 A G 3 1_555 A C 15 1_555 0.684  -1.813 4.178 0.462   43.413  32.243 -4.891 -0.728 1.150 55.101  -0.586 
53.610 2 AA_G2G3:C15C16_AA A 2 ? A 16 ? A 3 ? A 15 ? 
1 A G 3 1_555 A C 15 1_555 A G 4 1_555 A C 14 1_555 1.339  -1.449 3.423 4.681   20.645  26.114 -5.701 -1.601 1.990 38.615  -8.755 
33.500 3 AA_G3G4:C14C15_AA A 3 ? A 15 ? A 4 ? A 14 ? 
1 A G 4 1_555 A C 14 1_555 A A 5 1_555 A U 13 1_555 1.685  -1.617 3.887 4.365   12.378  28.211 -5.702 -2.202 3.139 23.831  -8.405 
31.059 4 AA_G4A5:U13C14_AA A 4 ? A 14 ? A 5 ? A 13 ? 
1 A A 5 1_555 A U 13 1_555 A U 6 1_555 A A 12 1_555 0.439  -1.954 3.663 -6.839  -0.212  28.257 -3.844 -2.538 3.477 -0.425  13.755 
29.057 5 AA_A5U6:A12U13_AA A 5 ? A 13 ? A 6 ? A 12 ? 
1 A U 6 1_555 A A 12 1_555 A U 7 1_555 A A 11 1_555 1.011  -1.701 5.195 -18.502 -39.272 29.902 2.864  -3.406 3.940 -51.612 24.316 
52.301 6 AA_U6U7:A11A12_AA A 6 ? A 12 ? A 7 ? A 11 ? 
# 
_pdbx_nmr_spectrometer.spectrometer_id   1 
_pdbx_nmr_spectrometer.type              ? 
_pdbx_nmr_spectrometer.manufacturer      Bruker 
_pdbx_nmr_spectrometer.model             AMX 
_pdbx_nmr_spectrometer.field_strength    500 
# 
_atom_sites.entry_id                    1J4Y 
_atom_sites.fract_transf_matrix[1][1]   1.000000 
_atom_sites.fract_transf_matrix[1][2]   0.000000 
_atom_sites.fract_transf_matrix[1][3]   0.000000 
_atom_sites.fract_transf_matrix[2][1]   0.000000 
_atom_sites.fract_transf_matrix[2][2]   1.000000 
_atom_sites.fract_transf_matrix[2][3]   0.000000 
_atom_sites.fract_transf_matrix[3][1]   0.000000 
_atom_sites.fract_transf_matrix[3][2]   0.000000 
_atom_sites.fract_transf_matrix[3][3]   1.000000 
_atom_sites.fract_transf_vector[1]      0.00000 
_atom_sites.fract_transf_vector[2]      0.00000 
_atom_sites.fract_transf_vector[3]      0.00000 
# 
loop_
_atom_type.symbol 
C 
H 
N 
O 
P 
# 
loop_
_atom_site.group_PDB 
_atom_site.id 
_atom_site.type_symbol 
_atom_site.label_atom_id 
_atom_site.label_alt_id 
_atom_site.label_comp_id 
_atom_site.label_asym_id 
_atom_site.label_entity_id 
_atom_site.label_seq_id 
_atom_site.pdbx_PDB_ins_code 
_atom_site.Cartn_x 
_atom_site.Cartn_y 
_atom_site.Cartn_z 
_atom_site.occupancy 
_atom_site.B_iso_or_equiv 
_atom_site.pdbx_formal_charge 
_atom_site.auth_seq_id 
_atom_site.auth_comp_id 
_atom_site.auth_asym_id 
_atom_site.auth_atom_id 
_atom_site.pdbx_PDB_model_num 
ATOM 1   O "O5'"  . G A 1 1  ? -2.103  -5.274  10.889  1.00 5.98 ? 1  G A "O5'"  1 
ATOM 2   C "C5'"  . G A 1 1  ? -0.828  -4.910  10.337  1.00 5.32 ? 1  G A "C5'"  1 
ATOM 3   C "C4'"  . G A 1 1  ? 0.317   -5.691  10.975  1.00 4.97 ? 1  G A "C4'"  1 
ATOM 4   O "O4'"  . G A 1 1  ? 0.861   -6.643  10.059  1.00 5.18 ? 1  G A "O4'"  1 
ATOM 5   C "C3'"  . G A 1 1  ? 1.462   -4.769  11.391  1.00 4.10 ? 1  G A "C3'"  1 
ATOM 6   O "O3'"  . G A 1 1  ? 1.535   -4.786  12.823  1.00 3.95 ? 1  G A "O3'"  1 
ATOM 7   C "C2'"  . G A 1 1  ? 2.730   -5.343  10.766  1.00 3.94 ? 1  G A "C2'"  1 
ATOM 8   O "O2'"  . G A 1 1  ? 3.628   -5.831  11.770  1.00 4.08 ? 1  G A "O2'"  1 
ATOM 9   C "C1'"  . G A 1 1  ? 2.270   -6.479  9.864   1.00 4.63 ? 1  G A "C1'"  1 
ATOM 10  N N9     . G A 1 1  ? 2.574   -6.185  8.454   1.00 4.45 ? 1  G A N9     1 
ATOM 11  C C8     . G A 1 1  ? 1.740   -5.864  7.435   1.00 4.66 ? 1  G A C8     1 
ATOM 12  N N7     . G A 1 1  ? 2.266   -5.674  6.270   1.00 4.54 ? 1  G A N7     1 
ATOM 13  C C5     . G A 1 1  ? 3.622   -5.886  6.536   1.00 4.13 ? 1  G A C5     1 
ATOM 14  C C6     . G A 1 1  ? 4.740   -5.827  5.664   1.00 3.85 ? 1  G A C6     1 
ATOM 15  O O6     . G A 1 1  ? 4.757   -5.571  4.465   1.00 3.87 ? 1  G A O6     1 
ATOM 16  N N1     . G A 1 1  ? 5.923   -6.107  6.334   1.00 3.64 ? 1  G A N1     1 
ATOM 17  C C2     . G A 1 1  ? 6.025   -6.406  7.678   1.00 3.78 ? 1  G A C2     1 
ATOM 18  N N2     . G A 1 1  ? 7.253   -6.631  8.143   1.00 3.82 ? 1  G A N2     1 
ATOM 19  N N3     . G A 1 1  ? 4.978   -6.465  8.503   1.00 4.01 ? 1  G A N3     1 
ATOM 20  C C4     . G A 1 1  ? 3.816   -6.196  7.871   1.00 4.13 ? 1  G A C4     1 
ATOM 21  H "H5'"  . G A 1 1  ? -0.640  -3.861  10.524  1.00 5.25 ? 1  G A "H5'"  1 
ATOM 22  H "H5''" . G A 1 1  ? -0.857  -5.093  9.251   1.00 5.43 ? 1  G A "H5''" 1 
ATOM 23  H "H4'"  . G A 1 1  ? -0.053  -6.220  11.856  1.00 5.27 ? 1  G A "H4'"  1 
ATOM 24  H "H3'"  . G A 1 1  ? 1.288   -3.754  11.025  1.00 3.86 ? 1  G A "H3'"  1 
ATOM 25  H "H2'"  . G A 1 1  ? 3.225   -4.576  10.165  1.00 3.41 ? 1  G A "H2'"  1 
ATOM 26  H "HO2'" . G A 1 1  ? 4.025   -5.069  12.197  1.00 4.17 ? 1  G A "HO2'" 1 
ATOM 27  H "H1'"  . G A 1 1  ? 2.783   -7.398  10.154  1.00 4.94 ? 1  G A "H1'"  1 
ATOM 28  H H8     . G A 1 1  ? 0.666   -5.772  7.591   1.00 5.01 ? 1  G A H8     1 
ATOM 29  H H1     . G A 1 1  ? 6.762   -6.091  5.774   1.00 3.48 ? 1  G A H1     1 
ATOM 30  H H21    . G A 1 1  ? 8.044   -6.587  7.518   1.00 3.70 ? 1  G A H21    1 
ATOM 31  H H22    . G A 1 1  ? 7.393   -6.845  9.120   1.00 4.04 ? 1  G A H22    1 
ATOM 32  H "HO5'" . G A 1 1  ? -2.641  -5.624  10.174  1.00 6.17 ? 1  G A "HO5'" 1 
ATOM 33  P P      . G A 1 2  ? 1.227   -3.460  13.686  1.00 3.37 ? 2  G A P      1 
ATOM 34  O OP1    . G A 1 2  ? 0.738   -3.874  15.019  1.00 3.55 ? 2  G A OP1    1 
ATOM 35  O OP2    . G A 1 2  ? 0.414   -2.544  12.856  1.00 3.72 ? 2  G A OP2    1 
ATOM 36  O "O5'"  . G A 1 2  ? 2.691   -2.811  13.867  1.00 2.96 ? 2  G A "O5'"  1 
ATOM 37  C "C5'"  . G A 1 2  ? 3.226   -1.910  12.887  1.00 2.72 ? 2  G A "C5'"  1 
ATOM 38  C "C4'"  . G A 1 2  ? 4.742   -1.993  12.798  1.00 2.37 ? 2  G A "C4'"  1 
ATOM 39  O "O4'"  . G A 1 2  ? 5.166   -3.083  11.974  1.00 2.42 ? 2  G A "O4'"  1 
ATOM 40  C "C3'"  . G A 1 2  ? 5.328   -0.752  12.146  1.00 1.88 ? 2  G A "C3'"  1 
ATOM 41  O "O3'"  . G A 1 2  ? 5.416   0.301   13.116  1.00 1.83 ? 2  G A "O3'"  1 
ATOM 42  C "C2'"  . G A 1 2  ? 6.665   -1.283  11.663  1.00 1.67 ? 2  G A "C2'"  1 
ATOM 43  O "O2'"  . G A 1 2  ? 7.630   -1.320  12.721  1.00 1.80 ? 2  G A "O2'"  1 
ATOM 44  C "C1'"  . G A 1 2  ? 6.301   -2.685  11.191  1.00 2.01 ? 2  G A "C1'"  1 
ATOM 45  N N9     . G A 1 2  ? 5.982   -2.695  9.749   1.00 1.89 ? 2  G A N9     1 
ATOM 46  C C8     . G A 1 2  ? 4.779   -2.752  9.127   1.00 2.11 ? 2  G A C8     1 
ATOM 47  N N7     . G A 1 2  ? 4.771   -2.754  7.837   1.00 2.07 ? 2  G A N7     1 
ATOM 48  C C5     . G A 1 2  ? 6.137   -2.686  7.544   1.00 1.70 ? 2  G A C5     1 
ATOM 49  C C6     . G A 1 2  ? 6.796   -2.651  6.288   1.00 1.50 ? 2  G A C6     1 
ATOM 50  O O6     . G A 1 2  ? 6.301   -2.681  5.166   1.00 1.64 ? 2  G A O6     1 
ATOM 51  N N1     . G A 1 2  ? 8.175   -2.582  6.441   1.00 1.24 ? 2  G A N1     1 
ATOM 52  C C2     . G A 1 2  ? 8.841   -2.549  7.650   1.00 1.32 ? 2  G A C2     1 
ATOM 53  N N2     . G A 1 2  ? 10.169  -2.469  7.594   1.00 1.39 ? 2  G A N2     1 
ATOM 54  N N3     . G A 1 2  ? 8.227   -2.582  8.835   1.00 1.51 ? 2  G A N3     1 
ATOM 55  C C4     . G A 1 2  ? 6.884   -2.649  8.712   1.00 1.63 ? 2  G A C4     1 
ATOM 56  H "H5'"  . G A 1 2  ? 2.983   -0.892  13.161  1.00 2.99 ? 2  G A "H5'"  1 
ATOM 57  H "H5''" . G A 1 2  ? 2.779   -2.150  11.909  1.00 3.11 ? 2  G A "H5''" 1 
ATOM 58  H "H4'"  . G A 1 2  ? 5.160   -2.113  13.796  1.00 2.49 ? 2  G A "H4'"  1 
ATOM 59  H "H3'"  . G A 1 2  ? 4.715   -0.452  11.290  1.00 1.88 ? 2  G A "H3'"  1 
ATOM 60  H "H2'"  . G A 1 2  ? 7.026   -0.681  10.823  1.00 1.34 ? 2  G A "H2'"  1 
ATOM 61  H "HO2'" . G A 1 2  ? 7.527   -0.513  13.233  1.00 2.08 ? 2  G A "HO2'" 1 
ATOM 62  H "H1'"  . G A 1 2  ? 7.134   -3.362  11.385  1.00 2.15 ? 2  G A "H1'"  1 
ATOM 63  H H8     . G A 1 2  ? 3.852   -2.786  9.697   1.00 2.38 ? 2  G A H8     1 
ATOM 64  H H1     . G A 1 2  ? 8.713   -2.555  5.589   1.00 1.12 ? 2  G A H1     1 
ATOM 65  H H21    . G A 1 2  ? 10.635  -2.443  6.698   1.00 1.32 ? 2  G A H21    1 
ATOM 66  H H22    . G A 1 2  ? 10.711  -2.434  8.446   1.00 1.63 ? 2  G A H22    1 
ATOM 67  P P      . G A 1 3  ? 4.630   1.691   12.895  1.00 1.77 ? 3  G A P      1 
ATOM 68  O OP1    . G A 1 3  ? 4.558   2.394   14.196  1.00 2.10 ? 3  G A OP1    1 
ATOM 69  O OP2    . G A 1 3  ? 3.390   1.412   12.137  1.00 2.29 ? 3  G A OP2    1 
ATOM 70  O "O5'"  . G A 1 3  ? 5.637   2.505   11.941  1.00 1.53 ? 3  G A "O5'"  1 
ATOM 71  C "C5'"  . G A 1 3  ? 7.015   2.667   12.310  1.00 1.15 ? 3  G A "C5'"  1 
ATOM 72  C "C4'"  . G A 1 3  ? 7.896   3.053   11.129  1.00 1.01 ? 3  G A "C4'"  1 
ATOM 73  O "O4'"  . G A 1 3  ? 8.155   1.941   10.269  1.00 1.01 ? 3  G A "O4'"  1 
ATOM 74  C "C3'"  . G A 1 3  ? 7.212   4.065   10.226  1.00 0.93 ? 3  G A "C3'"  1 
ATOM 75  O "O3'"  . G A 1 3  ? 7.245   5.376   10.803  1.00 0.98 ? 3  G A "O3'"  1 
ATOM 76  C "C2'"  . G A 1 3  ? 8.062   3.930   8.974   1.00 0.90 ? 3  G A "C2'"  1 
ATOM 77  O "O2'"  . G A 1 3  ? 9.254   4.719   9.063   1.00 0.97 ? 3  G A "O2'"  1 
ATOM 78  C "C1'"  . G A 1 3  ? 8.385   2.439   8.941   1.00 0.91 ? 3  G A "C1'"  1 
ATOM 79  N N9     . G A 1 3  ? 7.540   1.740   7.952   1.00 0.92 ? 3  G A N9     1 
ATOM 80  C C8     . G A 1 3  ? 6.452   0.953   8.142   1.00 1.02 ? 3  G A C8     1 
ATOM 81  N N7     . G A 1 3  ? 5.881   0.457   7.095   1.00 1.09 ? 3  G A N7     1 
ATOM 82  C C5     . G A 1 3  ? 6.679   0.967   6.068   1.00 1.02 ? 3  G A C5     1 
ATOM 83  C C6     . G A 1 3  ? 6.574   0.790   4.661   1.00 1.10 ? 3  G A C6     1 
ATOM 84  O O6     . G A 1 3  ? 5.747   0.132   4.036   1.00 1.23 ? 3  G A O6     1 
ATOM 85  N N1     . G A 1 3  ? 7.576   1.476   3.986   1.00 1.08 ? 3  G A N1     1 
ATOM 86  C C2     . G A 1 3  ? 8.557   2.242   4.583   1.00 1.03 ? 3  G A C2     1 
ATOM 87  N N2     . G A 1 3  ? 9.431   2.827   3.765   1.00 1.14 ? 3  G A N2     1 
ATOM 88  N N3     . G A 1 3  ? 8.661   2.414   5.904   1.00 0.95 ? 3  G A N3     1 
ATOM 89  C C4     . G A 1 3  ? 7.697   1.754   6.584   1.00 0.93 ? 3  G A C4     1 
ATOM 90  H "H5'"  . G A 1 3  ? 7.395   1.731   12.694  1.00 1.45 ? 3  G A "H5'"  1 
ATOM 91  H "H5''" . G A 1 3  ? 7.076   3.440   13.093  1.00 1.65 ? 3  G A "H5''" 1 
ATOM 92  H "H4'"  . G A 1 3  ? 8.839   3.458   11.491  1.00 1.05 ? 3  G A "H4'"  1 
ATOM 93  H "H3'"  . G A 1 3  ? 6.186   3.748   10.017  1.00 0.98 ? 3  G A "H3'"  1 
ATOM 94  H "H2'"  . G A 1 3  ? 7.477   4.206   8.093   1.00 0.94 ? 3  G A "H2'"  1 
ATOM 95  H "HO2'" . G A 1 3  ? 9.109   5.518   8.549   1.00 1.26 ? 3  G A "HO2'" 1 
ATOM 96  H "H1'"  . G A 1 3  ? 9.436   2.304   8.681   1.00 0.96 ? 3  G A "H1'"  1 
ATOM 97  H H8     . G A 1 3  ? 6.070   0.749   9.144   1.00 1.09 ? 3  G A H8     1 
ATOM 98  H H1     . G A 1 3  ? 7.566   1.396   2.979   1.00 1.17 ? 3  G A H1     1 
ATOM 99  H H21    . G A 1 3  ? 9.353   2.698   2.767   1.00 1.22 ? 3  G A H21    1 
ATOM 100 H H22    . G A 1 3  ? 10.171  3.401   4.144   1.00 1.17 ? 3  G A H22    1 
ATOM 101 P P      . G A 1 4  ? 5.976   6.359   10.676  1.00 1.06 ? 4  G A P      1 
ATOM 102 O OP1    . G A 1 4  ? 6.041   7.344   11.780  1.00 1.56 ? 4  G A OP1    1 
ATOM 103 O OP2    . G A 1 4  ? 4.763   5.530   10.500  1.00 1.64 ? 4  G A OP2    1 
ATOM 104 O "O5'"  . G A 1 4  ? 6.266   7.129   9.291   1.00 1.02 ? 4  G A "O5'"  1 
ATOM 105 C "C5'"  . G A 1 4  ? 5.218   7.323   8.329   1.00 1.01 ? 4  G A "C5'"  1 
ATOM 106 C "C4'"  . G A 1 4  ? 5.750   7.441   6.910   1.00 0.90 ? 4  G A "C4'"  1 
ATOM 107 O "O4'"  . G A 1 4  ? 6.237   6.188   6.420   1.00 0.90 ? 4  G A "O4'"  1 
ATOM 108 C "C3'"  . G A 1 4  ? 4.646   7.836   5.942   1.00 0.90 ? 4  G A "C3'"  1 
ATOM 109 O "O3'"  . G A 1 4  ? 4.491   9.261   5.950   1.00 0.93 ? 4  G A "O3'"  1 
ATOM 110 C "C2'"  . G A 1 4  ? 5.147   7.287   4.620   1.00 0.89 ? 4  G A "C2'"  1 
ATOM 111 O "O2'"  . G A 1 4  ? 5.993   8.229   3.949   1.00 0.93 ? 4  G A "O2'"  1 
ATOM 112 C "C1'"  . G A 1 4  ? 5.923   6.038   5.028   1.00 0.88 ? 4  G A "C1'"  1 
ATOM 113 N N9     . G A 1 4  ? 5.122   4.821   4.790   1.00 0.90 ? 4  G A N9     1 
ATOM 114 C C8     . G A 1 4  ? 4.351   4.110   5.652   1.00 0.97 ? 4  G A C8     1 
ATOM 115 N N7     . G A 1 4  ? 3.734   3.075   5.188   1.00 1.00 ? 4  G A N7     1 
ATOM 116 C C5     . G A 1 4  ? 4.133   3.081   3.849   1.00 0.95 ? 4  G A C5     1 
ATOM 117 C C6     . G A 1 4  ? 3.793   2.190   2.796   1.00 0.98 ? 4  G A C6     1 
ATOM 118 O O6     . G A 1 4  ? 3.061   1.204   2.837   1.00 1.03 ? 4  G A O6     1 
ATOM 119 N N1     . G A 1 4  ? 4.409   2.553   1.604   1.00 1.01 ? 4  G A N1     1 
ATOM 120 C C2     . G A 1 4  ? 5.247   3.637   1.440   1.00 1.01 ? 4  G A C2     1 
ATOM 121 N N2     . G A 1 4  ? 5.742   3.821   0.217   1.00 1.12 ? 4  G A N2     1 
ATOM 122 N N3     . G A 1 4  ? 5.571   4.480   2.426   1.00 0.95 ? 4  G A N3     1 
ATOM 123 C C4     . G A 1 4  ? 4.983   4.147   3.597   1.00 0.91 ? 4  G A C4     1 
ATOM 124 H "H5'"  . G A 1 4  ? 4.698   8.248   8.547   1.00 1.23 ? 4  G A "H5'"  1 
ATOM 125 H "H5''" . G A 1 4  ? 4.517   6.479   8.400   1.00 1.54 ? 4  G A "H5''" 1 
ATOM 126 H "H4'"  . G A 1 4  ? 6.550   8.179   6.876   1.00 0.88 ? 4  G A "H4'"  1 
ATOM 127 H "H3'"  . G A 1 4  ? 3.710   7.343   6.221   1.00 0.96 ? 4  G A "H3'"  1 
ATOM 128 H "H2'"  . G A 1 4  ? 4.301   7.010   3.987   1.00 0.93 ? 4  G A "H2'"  1 
ATOM 129 H "HO2'" . G A 1 4  ? 5.619   8.380   3.079   1.00 1.33 ? 4  G A "HO2'" 1 
ATOM 130 H "H1'"  . G A 1 4  ? 6.847   5.980   4.452   1.00 0.90 ? 4  G A "H1'"  1 
ATOM 131 H H8     . G A 1 4  ? 4.257   4.403   6.698   1.00 1.03 ? 4  G A H8     1 
ATOM 132 H H1     . G A 1 4  ? 4.214   1.962   0.808   1.00 1.06 ? 4  G A H1     1 
ATOM 133 H H21    . G A 1 4  ? 5.498   3.184   -0.528  1.00 1.19 ? 4  G A H21    1 
ATOM 134 H H22    . G A 1 4  ? 6.363   4.596   0.034   1.00 1.16 ? 4  G A H22    1 
ATOM 135 P P      . A A 1 5  ? 3.076   9.935   5.579   1.00 1.04 ? 5  A A P      1 
ATOM 136 O OP1    . A A 1 5  ? 3.104   11.346  6.026   1.00 1.80 ? 5  A A OP1    1 
ATOM 137 O OP2    . A A 1 5  ? 1.996   9.034   6.045   1.00 1.46 ? 5  A A OP2    1 
ATOM 138 O "O5'"  . A A 1 5  ? 3.095   9.916   3.967   1.00 1.14 ? 5  A A "O5'"  1 
ATOM 139 C "C5'"  . A A 1 5  ? 2.024   9.323   3.228   1.00 0.96 ? 5  A A "C5'"  1 
ATOM 140 C "C4'"  . A A 1 5  ? 2.529   8.668   1.945   1.00 1.00 ? 5  A A "C4'"  1 
ATOM 141 O "O4'"  . A A 1 5  ? 3.060   7.361   2.196   1.00 1.02 ? 5  A A "O4'"  1 
ATOM 142 C "C3'"  . A A 1 5  ? 1.395   8.457   0.955   1.00 1.02 ? 5  A A "C3'"  1 
ATOM 143 O "O3'"  . A A 1 5  ? 1.200   9.633   0.159   1.00 1.04 ? 5  A A "O3'"  1 
ATOM 144 C "C2'"  . A A 1 5  ? 1.885   7.271   0.143   1.00 1.06 ? 5  A A "C2'"  1 
ATOM 145 O "O2'"  . A A 1 5  ? 2.718   7.689   -0.946  1.00 1.12 ? 5  A A "O2'"  1 
ATOM 146 C "C1'"  . A A 1 5  ? 2.671   6.449   1.158   1.00 1.06 ? 5  A A "C1'"  1 
ATOM 147 N N9     . A A 1 5  ? 1.846   5.349   1.697   1.00 1.05 ? 5  A A N9     1 
ATOM 148 C C8     . A A 1 5  ? 1.349   5.169   2.948   1.00 1.01 ? 5  A A C8     1 
ATOM 149 N N7     . A A 1 5  ? 0.627   4.119   3.157   1.00 1.03 ? 5  A A N7     1 
ATOM 150 C C5     . A A 1 5  ? 0.638   3.513   1.896   1.00 1.08 ? 5  A A C5     1 
ATOM 151 C C6     . A A 1 5  ? 0.056   2.341   1.403   1.00 1.15 ? 5  A A C6     1 
ATOM 152 N N6     . A A 1 5  ? -0.691  1.529   2.150   1.00 1.17 ? 5  A A N6     1 
ATOM 153 N N1     . A A 1 5  ? 0.267   2.041   0.110   1.00 1.20 ? 5  A A N1     1 
ATOM 154 C C2     . A A 1 5  ? 1.007   2.844   -0.657  1.00 1.19 ? 5  A A C2     1 
ATOM 155 N N3     . A A 1 5  ? 1.603   3.975   -0.296  1.00 1.15 ? 5  A A N3     1 
ATOM 156 C C4     . A A 1 5  ? 1.377   4.255   1.003   1.00 1.09 ? 5  A A C4     1 
ATOM 157 H "H5'"  . A A 1 5  ? 1.299   10.095  2.973   1.00 1.36 ? 5  A A "H5'"  1 
ATOM 158 H "H5''" . A A 1 5  ? 1.539   8.569   3.846   1.00 1.29 ? 5  A A "H5''" 1 
ATOM 159 H "H4'"  . A A 1 5  ? 3.300   9.290   1.495   1.00 1.03 ? 5  A A "H4'"  1 
ATOM 160 H "H3'"  . A A 1 5  ? 0.478   8.190   1.486   1.00 0.99 ? 5  A A "H3'"  1 
ATOM 161 H "H2'"  . A A 1 5  ? 1.032   6.694   -0.225  1.00 1.07 ? 5  A A "H2'"  1 
ATOM 162 H "HO2'" . A A 1 5  ? 2.220   7.551   -1.756  1.00 1.43 ? 5  A A "HO2'" 1 
ATOM 163 H "H1'"  . A A 1 5  ? 3.562   6.037   0.684   1.00 1.10 ? 5  A A "H1'"  1 
ATOM 164 H H8     . A A 1 5  ? 1.551   5.885   3.744   1.00 0.99 ? 5  A A H8     1 
ATOM 165 H H61    . A A 1 5  ? -1.088  0.694   1.746   1.00 1.23 ? 5  A A H61    1 
ATOM 166 H H62    . A A 1 5  ? -0.859  1.749   3.121   1.00 1.14 ? 5  A A H62    1 
ATOM 167 H H2     . A A 1 5  ? 1.137   2.537   -1.696  1.00 1.25 ? 5  A A H2     1 
ATOM 168 P P      . U A 1 6  ? -0.283  10.210  -0.102  1.00 0.96 ? 6  U A P      1 
ATOM 169 O OP1    . U A 1 6  ? -0.203  11.689  -0.143  1.00 1.58 ? 6  U A OP1    1 
ATOM 170 O OP2    . U A 1 6  ? -1.214  9.549   0.841   1.00 1.38 ? 6  U A OP2    1 
ATOM 171 O "O5'"  . U A 1 6  ? -0.604  9.684   -1.592  1.00 0.86 ? 6  U A "O5'"  1 
ATOM 172 C "C5'"  . U A 1 6  ? -1.728  8.834   -1.847  1.00 0.80 ? 6  U A "C5'"  1 
ATOM 173 C "C4'"  . U A 1 6  ? -1.318  7.596   -2.640  1.00 0.75 ? 6  U A "C4'"  1 
ATOM 174 O "O4'"  . U A 1 6  ? -0.820  6.566   -1.777  1.00 0.75 ? 6  U A "O4'"  1 
ATOM 175 C "C3'"  . U A 1 6  ? -2.508  6.986   -3.366  1.00 0.68 ? 6  U A "C3'"  1 
ATOM 176 O "O3'"  . U A 1 6  ? -2.668  7.550   -4.677  1.00 0.73 ? 6  U A "O3'"  1 
ATOM 177 C "C2'"  . U A 1 6  ? -2.132  5.516   -3.427  1.00 0.67 ? 6  U A "C2'"  1 
ATOM 178 O "O2'"  . U A 1 6  ? -1.358  5.227   -4.594  1.00 0.74 ? 6  U A "O2'"  1 
ATOM 179 C "C1'"  . U A 1 6  ? -1.317  5.275   -2.158  1.00 0.72 ? 6  U A "C1'"  1 
ATOM 180 N N1     . U A 1 6  ? -2.143  4.676   -1.079  1.00 0.73 ? 6  U A N1     1 
ATOM 181 C C2     . U A 1 6  ? -2.901  3.555   -1.388  1.00 0.79 ? 6  U A C2     1 
ATOM 182 O O2     . U A 1 6  ? -2.904  3.047   -2.509  1.00 0.80 ? 6  U A O2     1 
ATOM 183 N N3     . U A 1 6  ? -3.657  3.030   -0.356  1.00 0.90 ? 6  U A N3     1 
ATOM 184 C C4     . U A 1 6  ? -3.720  3.512   0.939   1.00 0.94 ? 6  U A C4     1 
ATOM 185 O O4     . U A 1 6  ? -4.431  2.963   1.778   1.00 1.08 ? 6  U A O4     1 
ATOM 186 C C5     . U A 1 6  ? -2.900  4.679   1.174   1.00 0.85 ? 6  U A C5     1 
ATOM 187 C C6     . U A 1 6  ? -2.151  5.216   0.181   1.00 0.77 ? 6  U A C6     1 
ATOM 188 H "H5'"  . U A 1 6  ? -2.472  9.391   -2.414  1.00 1.31 ? 6  U A "H5'"  1 
ATOM 189 H "H5''" . U A 1 6  ? -2.165  8.521   -0.899  1.00 1.05 ? 6  U A "H5''" 1 
ATOM 190 H "H4'"  . U A 1 6  ? -0.547  7.864   -3.361  1.00 0.81 ? 6  U A "H4'"  1 
ATOM 191 H "H3'"  . U A 1 6  ? -3.416  7.116   -2.770  1.00 0.68 ? 6  U A "H3'"  1 
ATOM 192 H "H2'"  . U A 1 6  ? -3.036  4.905   -3.407  1.00 0.63 ? 6  U A "H2'"  1 
ATOM 193 H "HO2'" . U A 1 6  ? -0.437  5.384   -4.373  1.00 0.87 ? 6  U A "HO2'" 1 
ATOM 194 H "H1'"  . U A 1 6  ? -0.478  4.615   -2.385  1.00 0.79 ? 6  U A "H1'"  1 
ATOM 195 H H3     . U A 1 6  ? -4.218  2.218   -0.568  1.00 1.00 ? 6  U A H3     1 
ATOM 196 H H5     . U A 1 6  ? -2.882  5.131   2.166   1.00 0.91 ? 6  U A H5     1 
ATOM 197 H H6     . U A 1 6  ? -1.540  6.094   0.389   1.00 0.80 ? 6  U A H6     1 
ATOM 198 P P      . U A 1 7  ? -4.062  7.395   -5.474  1.00 0.72 ? 7  U A P      1 
ATOM 199 O OP1    . U A 1 7  ? -3.851  7.847   -6.867  1.00 0.86 ? 7  U A OP1    1 
ATOM 200 O OP2    . U A 1 7  ? -5.135  8.001   -4.656  1.00 0.76 ? 7  U A OP2    1 
ATOM 201 O "O5'"  . U A 1 7  ? -4.285  5.798   -5.488  1.00 0.60 ? 7  U A "O5'"  1 
ATOM 202 C "C5'"  . U A 1 7  ? -3.607  4.969   -6.437  1.00 0.62 ? 7  U A "C5'"  1 
ATOM 203 C "C4'"  . U A 1 7  ? -4.344  3.650   -6.644  1.00 0.55 ? 7  U A "C4'"  1 
ATOM 204 O "O4'"  . U A 1 7  ? -4.666  3.034   -5.391  1.00 0.52 ? 7  U A "O4'"  1 
ATOM 205 C "C3'"  . U A 1 7  ? -5.668  3.877   -7.362  1.00 0.60 ? 7  U A "C3'"  1 
ATOM 206 O "O3'"  . U A 1 7  ? -5.569  3.519   -8.748  1.00 0.74 ? 7  U A "O3'"  1 
ATOM 207 C "C2'"  . U A 1 7  ? -6.662  2.967   -6.658  1.00 0.61 ? 7  U A "C2'"  1 
ATOM 208 O "O2'"  . U A 1 7  ? -6.868  1.763   -7.405  1.00 0.69 ? 7  U A "O2'"  1 
ATOM 209 C "C1'"  . U A 1 7  ? -6.048  2.662   -5.294  1.00 0.56 ? 7  U A "C1'"  1 
ATOM 210 N N1     . U A 1 7  ? -6.735  3.408   -4.210  1.00 0.69 ? 7  U A N1     1 
ATOM 211 C C2     . U A 1 7  ? -8.032  3.040   -3.893  1.00 0.90 ? 7  U A C2     1 
ATOM 212 O O2     . U A 1 7  ? -8.617  2.135   -4.473  1.00 0.95 ? 7  U A O2     1 
ATOM 213 N N3     . U A 1 7  ? -8.638  3.751   -2.874  1.00 1.10 ? 7  U A N3     1 
ATOM 214 C C4     . U A 1 7  ? -8.073  4.783   -2.151  1.00 1.09 ? 7  U A C4     1 
ATOM 215 O O4     . U A 1 7  ? -8.709  5.347   -1.262  1.00 1.29 ? 7  U A O4     1 
ATOM 216 C C5     . U A 1 7  ? -6.718  5.102   -2.544  1.00 0.85 ? 7  U A C5     1 
ATOM 217 C C6     . U A 1 7  ? -6.102  4.421   -3.540  1.00 0.67 ? 7  U A C6     1 
ATOM 218 H "H5'"  . U A 1 7  ? -2.600  4.760   -6.073  1.00 0.66 ? 7  U A "H5'"  1 
ATOM 219 H "H5''" . U A 1 7  ? -3.539  5.493   -7.390  1.00 0.74 ? 7  U A "H5''" 1 
ATOM 220 H "H4'"  . U A 1 7  ? -3.722  2.974   -7.229  1.00 0.60 ? 7  U A "H4'"  1 
ATOM 221 H "H3'"  . U A 1 7  ? -5.978  4.918   -7.256  1.00 0.64 ? 7  U A "H3'"  1 
ATOM 222 H "H2'"  . U A 1 7  ? -7.609  3.493   -6.526  1.00 0.72 ? 7  U A "H2'"  1 
ATOM 223 H "HO2'" . U A 1 7  ? -6.605  1.942   -8.312  1.00 1.09 ? 7  U A "HO2'" 1 
ATOM 224 H "H1'"  . U A 1 7  ? -6.120  1.592   -5.098  1.00 0.59 ? 7  U A "H1'"  1 
ATOM 225 H H3     . U A 1 7  ? -9.585  3.490   -2.637  1.00 1.28 ? 7  U A H3     1 
ATOM 226 H H5     . U A 1 7  ? -6.185  5.902   -2.030  1.00 0.84 ? 7  U A H5     1 
ATOM 227 H H6     . U A 1 7  ? -5.080  4.683   -3.812  1.00 0.57 ? 7  U A H6     1 
ATOM 228 P P      . G A 1 8  ? -5.963  4.574   -9.903  1.00 1.04 ? 8  G A P      1 
ATOM 229 O OP1    . G A 1 8  ? -5.658  3.958   -11.216 1.00 2.06 ? 8  G A OP1    1 
ATOM 230 O OP2    . G A 1 8  ? -5.377  5.887   -9.552  1.00 1.20 ? 8  G A OP2    1 
ATOM 231 O "O5'"  . G A 1 8  ? -7.566  4.683   -9.757  1.00 1.16 ? 8  G A "O5'"  1 
ATOM 232 C "C5'"  . G A 1 8  ? -8.430  3.672   -10.303 1.00 1.25 ? 8  G A "C5'"  1 
ATOM 233 C "C4'"  . G A 1 8  ? -9.425  3.141   -9.276  1.00 1.19 ? 8  G A "C4'"  1 
ATOM 234 O "O4'"  . G A 1 8  ? -9.104  3.592   -7.957  1.00 1.12 ? 8  G A "O4'"  1 
ATOM 235 C "C3'"  . G A 1 8  ? -10.837 3.650   -9.551  1.00 1.47 ? 8  G A "C3'"  1 
ATOM 236 O "O3'"  . G A 1 8  ? -11.757 2.582   -9.293  1.00 1.48 ? 8  G A "O3'"  1 
ATOM 237 C "C2'"  . G A 1 8  ? -11.020 4.819   -8.594  1.00 1.60 ? 8  G A "C2'"  1 
ATOM 238 O "O2'"  . G A 1 8  ? -12.381 4.935   -8.163  1.00 1.84 ? 8  G A "O2'"  1 
ATOM 239 C "C1'"  . G A 1 8  ? -10.096 4.479   -7.432  1.00 1.37 ? 8  G A "C1'"  1 
ATOM 240 N N9     . G A 1 8  ? -9.473  5.693   -6.871  1.00 1.41 ? 8  G A N9     1 
ATOM 241 C C8     . G A 1 8  ? -8.428  6.422   -7.335  1.00 1.37 ? 8  G A C8     1 
ATOM 242 N N7     . G A 1 8  ? -8.056  7.444   -6.641  1.00 1.44 ? 8  G A N7     1 
ATOM 243 C C5     . G A 1 8  ? -8.960  7.409   -5.575  1.00 1.55 ? 8  G A C5     1 
ATOM 244 C C6     . G A 1 8  ? -9.081  8.275   -4.455  1.00 1.71 ? 8  G A C6     1 
ATOM 245 O O6     . G A 1 8  ? -8.399  9.260   -4.176  1.00 1.75 ? 8  G A O6     1 
ATOM 246 N N1     . G A 1 8  ? -10.120 7.888   -3.620  1.00 1.86 ? 8  G A N1     1 
ATOM 247 C C2     . G A 1 8  ? -10.946 6.802   -3.831  1.00 1.86 ? 8  G A C2     1 
ATOM 248 N N2     . G A 1 8  ? -11.894 6.595   -2.917  1.00 2.05 ? 8  G A N2     1 
ATOM 249 N N3     . G A 1 8  ? -10.839 5.981   -4.880  1.00 1.69 ? 8  G A N3     1 
ATOM 250 C C4     . G A 1 8  ? -9.832  6.340   -5.710  1.00 1.55 ? 8  G A C4     1 
ATOM 251 H "H5'"  . G A 1 8  ? -7.836  2.830   -10.628 1.00 1.59 ? 8  G A "H5'"  1 
ATOM 252 H "H5''" . G A 1 8  ? -8.965  4.100   -11.163 1.00 1.71 ? 8  G A "H5''" 1 
ATOM 253 H "H4'"  . G A 1 8  ? -9.420  2.052   -9.293  1.00 1.08 ? 8  G A "H4'"  1 
ATOM 254 H "H3'"  . G A 1 8  ? -10.922 3.992   -10.584 1.00 1.60 ? 8  G A "H3'"  1 
ATOM 255 H "H2'"  . G A 1 8  ? -10.689 5.744   -9.075  1.00 1.68 ? 8  G A "H2'"  1 
ATOM 256 H "HO2'" . G A 1 8  ? -12.685 5.814   -8.405  1.00 1.99 ? 8  G A "HO2'" 1 
ATOM 257 H "H1'"  . G A 1 8  ? -10.664 3.970   -6.654  1.00 1.42 ? 8  G A "H1'"  1 
ATOM 258 H H8     . G A 1 8  ? -7.920  6.154   -8.263  1.00 1.32 ? 8  G A H8     1 
ATOM 259 H H1     . G A 1 8  ? -10.265 8.460   -2.801  1.00 2.00 ? 8  G A H1     1 
ATOM 260 H H21    . G A 1 8  ? -11.974 7.216   -2.123  1.00 2.20 ? 8  G A H21    1 
ATOM 261 H H22    . G A 1 8  ? -12.530 5.819   -3.017  1.00 2.07 ? 8  G A H22    1 
ATOM 262 P P      . A A 1 9  ? -12.978 2.286   -10.302 1.00 1.70 ? 9  A A P      1 
ATOM 263 O OP1    . A A 1 9  ? -12.501 2.517   -11.685 1.00 2.10 ? 9  A A OP1    1 
ATOM 264 O OP2    . A A 1 9  ? -14.172 3.004   -9.804  1.00 2.15 ? 9  A A OP2    1 
ATOM 265 O "O5'"  . A A 1 9  ? -13.227 0.703   -10.116 1.00 1.43 ? 9  A A "O5'"  1 
ATOM 266 C "C5'"  . A A 1 9  ? -12.526 -0.045  -9.115  1.00 1.28 ? 9  A A "C5'"  1 
ATOM 267 C "C4'"  . A A 1 9  ? -13.475 -0.884  -8.259  1.00 1.39 ? 9  A A "C4'"  1 
ATOM 268 O "O4'"  . A A 1 9  ? -13.187 -0.726  -6.871  1.00 1.42 ? 9  A A "O4'"  1 
ATOM 269 C "C3'"  . A A 1 9  ? -14.929 -0.439  -8.414  1.00 1.65 ? 9  A A "C3'"  1 
ATOM 270 O "O3'"  . A A 1 9  ? -15.848 -1.530  -8.268  1.00 1.77 ? 9  A A "O3'"  1 
ATOM 271 C "C2'"  . A A 1 9  ? -15.130 0.546   -7.273  1.00 1.79 ? 9  A A "C2'"  1 
ATOM 272 O "O2'"  . A A 1 9  ? -16.493 0.566   -6.832  1.00 2.07 ? 9  A A "O2'"  1 
ATOM 273 C "C1'"  . A A 1 9  ? -14.207 0.009   -6.189  1.00 1.66 ? 9  A A "C1'"  1 
ATOM 274 N N9     . A A 1 9  ? -13.626 1.102   -5.382  1.00 1.67 ? 9  A A N9     1 
ATOM 275 C C8     . A A 1 9  ? -12.770 2.091   -5.740  1.00 1.56 ? 9  A A C8     1 
ATOM 276 N N7     . A A 1 9  ? -12.390 2.914   -4.820  1.00 1.62 ? 9  A A N7     1 
ATOM 277 C C5     . A A 1 9  ? -13.076 2.422   -3.705  1.00 1.79 ? 9  A A C5     1 
ATOM 278 C C6     . A A 1 9  ? -13.130 2.830   -2.366  1.00 1.95 ? 9  A A C6     1 
ATOM 279 N N6     . A A 1 9  ? -12.449 3.873   -1.892  1.00 1.96 ? 9  A A N6     1 
ATOM 280 N N1     . A A 1 9  ? -13.909 2.118   -1.533  1.00 2.13 ? 9  A A N1     1 
ATOM 281 C C2     . A A 1 9  ? -14.594 1.067   -1.982  1.00 2.15 ? 9  A A C2     1 
ATOM 282 N N3     . A A 1 9  ? -14.615 0.592   -3.222  1.00 2.00 ? 9  A A N3     1 
ATOM 283 C C4     . A A 1 9  ? -13.830 1.322   -4.040  1.00 1.82 ? 9  A A C4     1 
ATOM 284 H "H5'"  . A A 1 9  ? -11.984 0.646   -8.467  1.00 1.52 ? 9  A A "H5'"  1 
ATOM 285 H "H5''" . A A 1 9  ? -11.811 -0.707  -9.603  1.00 1.14 ? 9  A A "H5''" 1 
ATOM 286 H "H4'"  . A A 1 9  ? -13.379 -1.935  -8.527  1.00 1.34 ? 9  A A "H4'"  1 
ATOM 287 H "H3'"  . A A 1 9  ? -15.070 0.062   -9.374  1.00 1.69 ? 9  A A "H3'"  1 
ATOM 288 H "H2'"  . A A 1 9  ? -14.807 1.545   -7.579  1.00 1.79 ? 9  A A "H2'"  1 
ATOM 289 H "HO2'" . A A 1 9  ? -16.843 1.440   -7.027  1.00 2.30 ? 9  A A "HO2'" 1 
ATOM 290 H "H1'"  . A A 1 9  ? -14.766 -0.665  -5.540  1.00 1.79 ? 9  A A "H1'"  1 
ATOM 291 H H8     . A A 1 9  ? -12.410 2.185   -6.766  1.00 1.45 ? 9  A A H8     1 
ATOM 292 H H61    . A A 1 9  ? -12.524 4.124   -0.918  1.00 2.10 ? 9  A A H61    1 
ATOM 293 H H62    . A A 1 9  ? -11.856 4.411   -2.509  1.00 1.85 ? 9  A A H62    1 
ATOM 294 H H2     . A A 1 9  ? -15.203 0.536   -1.251  1.00 2.31 ? 9  A A H2     1 
ATOM 295 P P      . A A 1 10 ? -15.805 -2.794  -9.271  1.00 1.71 ? 10 A A P      1 
ATOM 296 O OP1    . A A 1 10 ? -15.035 -2.407  -10.476 1.00 2.07 ? 10 A A OP1    1 
ATOM 297 O OP2    . A A 1 10 ? -17.181 -3.319  -9.413  1.00 1.80 ? 10 A A OP2    1 
ATOM 298 O "O5'"  . A A 1 10 ? -14.936 -3.872  -8.446  1.00 1.63 ? 10 A A "O5'"  1 
ATOM 299 C "C5'"  . A A 1 10 ? -15.143 -4.066  -7.042  1.00 1.76 ? 10 A A "C5'"  1 
ATOM 300 C "C4'"  . A A 1 10 ? -13.993 -4.858  -6.418  1.00 1.69 ? 10 A A "C4'"  1 
ATOM 301 O "O4'"  . A A 1 10 ? -12.747 -4.167  -6.536  1.00 1.48 ? 10 A A "O4'"  1 
ATOM 302 C "C3'"  . A A 1 10 ? -14.179 -5.041  -4.918  1.00 1.87 ? 10 A A "C3'"  1 
ATOM 303 O "O3'"  . A A 1 10 ? -13.586 -6.317  -4.669  1.00 2.01 ? 10 A A "O3'"  1 
ATOM 304 C "C2'"  . A A 1 10 ? -13.447 -3.854  -4.320  1.00 1.74 ? 10 A A "C2'"  1 
ATOM 305 O "O2'"  . A A 1 10 ? -13.068 -4.098  -2.963  1.00 1.85 ? 10 A A "O2'"  1 
ATOM 306 C "C1'"  . A A 1 10 ? -12.240 -3.793  -5.246  1.00 1.51 ? 10 A A "C1'"  1 
ATOM 307 N N9     . A A 1 10 ? -11.638 -2.447  -5.294  1.00 1.37 ? 10 A A N9     1 
ATOM 308 C C8     . A A 1 10 ? -11.864 -1.354  -4.524  1.00 1.45 ? 10 A A C8     1 
ATOM 309 N N7     . A A 1 10 ? -11.230 -0.271  -4.829  1.00 1.33 ? 10 A A N7     1 
ATOM 310 C C5     . A A 1 10 ? -10.489 -0.683  -5.941  1.00 1.12 ? 10 A A C5     1 
ATOM 311 C C6     . A A 1 10 ? -9.588  -0.022  -6.780  1.00 0.95 ? 10 A A C6     1 
ATOM 312 N N6     . A A 1 10 ? -9.293  1.266   -6.656  1.00 0.96 ? 10 A A N6     1 
ATOM 313 N N1     . A A 1 10 ? -9.034  -0.728  -7.778  1.00 0.85 ? 10 A A N1     1 
ATOM 314 C C2     . A A 1 10 ? -9.346  -2.012  -7.951  1.00 0.92 ? 10 A A C2     1 
ATOM 315 N N3     . A A 1 10 ? -10.188 -2.735  -7.221  1.00 1.06 ? 10 A A N3     1 
ATOM 316 C C4     . A A 1 10 ? -10.728 -2.005  -6.226  1.00 1.15 ? 10 A A C4     1 
ATOM 317 H "H5'"  . A A 1 10 ? -16.074 -4.613  -6.891  1.00 1.98 ? 10 A A "H5'"  1 
ATOM 318 H "H5''" . A A 1 10 ? -15.216 -3.095  -6.554  1.00 2.04 ? 10 A A "H5''" 1 
ATOM 319 H "H4'"  . A A 1 10 ? -13.912 -5.832  -6.899  1.00 1.71 ? 10 A A "H4'"  1 
ATOM 320 H "H3'"  . A A 1 10 ? -15.237 -5.030  -4.652  1.00 2.04 ? 10 A A "H3'"  1 
ATOM 321 H "H2'"  . A A 1 10 ? -14.051 -2.946  -4.414  1.00 1.76 ? 10 A A "H2'"  1 
ATOM 322 H "HO2'" . A A 1 10 ? -13.843 -3.945  -2.416  1.00 2.01 ? 10 A A "HO2'" 1 
ATOM 323 H "H1'"  . A A 1 10 ? -11.493 -4.519  -4.920  1.00 1.53 ? 10 A A "H1'"  1 
ATOM 324 H H8     . A A 1 10 ? -12.554 -1.386  -3.682  1.00 1.65 ? 10 A A H8     1 
ATOM 325 H H61    . A A 1 10 ? -8.634  1.697   -7.288  1.00 0.88 ? 10 A A H61    1 
ATOM 326 H H62    . A A 1 10 ? -9.726  1.814   -5.925  1.00 1.09 ? 10 A A H62    1 
ATOM 327 H H2     . A A 1 10 ? -8.857  -2.525  -8.777  1.00 0.91 ? 10 A A H2     1 
ATOM 328 P P      . A A 1 11 ? -14.076 -7.247  -3.454  1.00 2.14 ? 11 A A P      1 
ATOM 329 O OP1    . A A 1 11 ? -14.980 -8.282  -4.001  1.00 2.65 ? 11 A A OP1    1 
ATOM 330 O OP2    . A A 1 11 ? -14.536 -6.373  -2.349  1.00 2.46 ? 11 A A OP2    1 
ATOM 331 O "O5'"  . A A 1 11 ? -12.706 -7.963  -3.002  1.00 2.16 ? 11 A A "O5'"  1 
ATOM 332 C "C5'"  . A A 1 11 ? -11.780 -7.295  -2.142  1.00 2.10 ? 11 A A "C5'"  1 
ATOM 333 C "C4'"  . A A 1 11 ? -10.571 -6.764  -2.910  1.00 1.81 ? 11 A A "C4'"  1 
ATOM 334 O "O4'"  . A A 1 11 ? -10.738 -5.378  -3.235  1.00 1.67 ? 11 A A "O4'"  1 
ATOM 335 C "C3'"  . A A 1 11 ? -9.309  -6.860  -2.055  1.00 1.91 ? 11 A A "C3'"  1 
ATOM 336 O "O3'"  . A A 1 11 ? -8.211  -7.414  -2.791  1.00 1.84 ? 11 A A "O3'"  1 
ATOM 337 C "C2'"  . A A 1 11 ? -9.009  -5.428  -1.646  1.00 1.82 ? 11 A A "C2'"  1 
ATOM 338 O "O2'"  . A A 1 11 ? -7.602  -5.191  -1.574  1.00 1.79 ? 11 A A "O2'"  1 
ATOM 339 C "C1'"  . A A 1 11 ? -9.655  -4.586  -2.733  1.00 1.58 ? 11 A A "C1'"  1 
ATOM 340 N N9     . A A 1 11 ? -10.130 -3.299  -2.185  1.00 1.58 ? 11 A A N9     1 
ATOM 341 C C8     . A A 1 11 ? -11.181 -3.040  -1.370  1.00 1.76 ? 11 A A C8     1 
ATOM 342 N N7     . A A 1 11 ? -11.368 -1.815  -1.008  1.00 1.77 ? 11 A A N7     1 
ATOM 343 C C5     . A A 1 11 ? -10.312 -1.167  -1.658  1.00 1.56 ? 11 A A C5     1 
ATOM 344 C C6     . A A 1 11 ? -9.908  0.172   -1.705  1.00 1.47 ? 11 A A C6     1 
ATOM 345 N N6     . A A 1 11 ? -10.545 1.149   -1.060  1.00 1.61 ? 11 A A N6     1 
ATOM 346 N N1     . A A 1 11 ? -8.824  0.463   -2.444  1.00 1.27 ? 11 A A N1     1 
ATOM 347 C C2     . A A 1 11 ? -8.172  -0.499  -3.100  1.00 1.17 ? 11 A A C2     1 
ATOM 348 N N3     . A A 1 11 ? -8.467  -1.794  -3.124  1.00 1.25 ? 11 A A N3     1 
ATOM 349 C C4     . A A 1 11 ? -9.556  -2.063  -2.378  1.00 1.44 ? 11 A A C4     1 
ATOM 350 H "H5'"  . A A 1 11 ? -11.438 -7.995  -1.380  1.00 2.55 ? 11 A A "H5'"  1 
ATOM 351 H "H5''" . A A 1 11 ? -12.286 -6.460  -1.655  1.00 2.42 ? 11 A A "H5''" 1 
ATOM 352 H "H4'"  . A A 1 11 ? -10.437 -7.337  -3.828  1.00 1.71 ? 11 A A "H4'"  1 
ATOM 353 H "H3'"  . A A 1 11 ? -9.510  -7.460  -1.166  1.00 2.17 ? 11 A A "H3'"  1 
ATOM 354 H "H2'"  . A A 1 11 ? -9.482  -5.212  -0.684  1.00 2.00 ? 11 A A "H2'"  1 
ATOM 355 H "HO2'" . A A 1 11 ? -7.165  -5.932  -1.997  1.00 1.96 ? 11 A A "HO2'" 1 
ATOM 356 H "H1'"  . A A 1 11 ? -8.934  -4.401  -3.531  1.00 1.39 ? 11 A A "H1'"  1 
ATOM 357 H H8     . A A 1 11 ? -11.847 -3.836  -1.035  1.00 1.90 ? 11 A A H8     1 
ATOM 358 H H61    . A A 1 11 ? -10.211 2.099   -1.128  1.00 1.57 ? 11 A A H61    1 
ATOM 359 H H62    . A A 1 11 ? -11.362 0.938   -0.504  1.00 1.77 ? 11 A A H62    1 
ATOM 360 H H2     . A A 1 11 ? -7.303  -0.187  -3.678  1.00 1.02 ? 11 A A H2     1 
ATOM 361 P P      . A A 1 12 ? -7.232  -8.492  -2.100  1.00 2.08 ? 12 A A P      1 
ATOM 362 O OP1    . A A 1 12 ? -7.869  -9.824  -2.199  1.00 2.15 ? 12 A A OP1    1 
ATOM 363 O OP2    . A A 1 12 ? -6.830  -7.968  -0.774  1.00 2.29 ? 12 A A OP2    1 
ATOM 364 O "O5'"  . A A 1 12 ? -5.941  -8.475  -3.063  1.00 2.03 ? 12 A A "O5'"  1 
ATOM 365 C "C5'"  . A A 1 12 ? -4.884  -7.532  -2.859  1.00 1.88 ? 12 A A "C5'"  1 
ATOM 366 C "C4'"  . A A 1 12 ? -4.955  -6.389  -3.865  1.00 1.63 ? 12 A A "C4'"  1 
ATOM 367 O "O4'"  . A A 1 12 ? -5.934  -5.417  -3.483  1.00 1.54 ? 12 A A "O4'"  1 
ATOM 368 C "C3'"  . A A 1 12 ? -3.640  -5.629  -3.933  1.00 1.56 ? 12 A A "C3'"  1 
ATOM 369 O "O3'"  . A A 1 12 ? -2.735  -6.245  -4.860  1.00 1.60 ? 12 A A "O3'"  1 
ATOM 370 C "C2'"  . A A 1 12 ? -4.090  -4.256  -4.392  1.00 1.32 ? 12 A A "C2'"  1 
ATOM 371 O "O2'"  . A A 1 12 ? -4.219  -4.197  -5.816  1.00 1.19 ? 12 A A "O2'"  1 
ATOM 372 C "C1'"  . A A 1 12 ? -5.441  -4.089  -3.708  1.00 1.35 ? 12 A A "C1'"  1 
ATOM 373 N N9     . A A 1 12 ? -5.305  -3.346  -2.436  1.00 1.39 ? 12 A A N9     1 
ATOM 374 C C8     . A A 1 12 ? -5.443  -3.779  -1.156  1.00 1.56 ? 12 A A C8     1 
ATOM 375 N N7     . A A 1 12 ? -5.274  -2.917  -0.212  1.00 1.56 ? 12 A A N7     1 
ATOM 376 C C5     . A A 1 12 ? -4.986  -1.758  -0.940  1.00 1.38 ? 12 A A C5     1 
ATOM 377 C C6     . A A 1 12 ? -4.697  -0.446  -0.553  1.00 1.30 ? 12 A A C6     1 
ATOM 378 N N6     . A A 1 12 ? -4.652  -0.055  0.722   1.00 1.40 ? 12 A A N6     1 
ATOM 379 N N1     . A A 1 12 ? -4.460  0.449   -1.526  1.00 1.14 ? 12 A A N1     1 
ATOM 380 C C2     . A A 1 12 ? -4.505  0.080   -2.809  1.00 1.06 ? 12 A A C2     1 
ATOM 381 N N3     . A A 1 12 ? -4.768  -1.132  -3.286  1.00 1.12 ? 12 A A N3     1 
ATOM 382 C C4     . A A 1 12 ? -5.003  -2.011  -2.292  1.00 1.28 ? 12 A A C4     1 
ATOM 383 H "H5'"  . A A 1 12 ? -3.929  -8.042  -2.966  1.00 2.29 ? 12 A A "H5'"  1 
ATOM 384 H "H5''" . A A 1 12 ? -4.956  -7.124  -1.851  1.00 2.05 ? 12 A A "H5''" 1 
ATOM 385 H "H4'"  . A A 1 12 ? -5.202  -6.782  -4.850  1.00 1.57 ? 12 A A "H4'"  1 
ATOM 386 H "H3'"  . A A 1 12 ? -3.196  -5.563  -2.935  1.00 1.67 ? 12 A A "H3'"  1 
ATOM 387 H "H2'"  . A A 1 12 ? -3.392  -3.496  -4.034  1.00 1.29 ? 12 A A "H2'"  1 
ATOM 388 H "HO2'" . A A 1 12 ? -3.996  -3.304  -6.087  1.00 1.61 ? 12 A A "HO2'" 1 
ATOM 389 H "H1'"  . A A 1 12 ? -6.124  -3.556  -4.370  1.00 1.22 ? 12 A A "H1'"  1 
ATOM 390 H H8     . A A 1 12 ? -5.693  -4.817  -0.936  1.00 1.69 ? 12 A A H8     1 
ATOM 391 H H61    . A A 1 12 ? -4.438  0.906   0.948   1.00 1.34 ? 12 A A H61    1 
ATOM 392 H H62    . A A 1 12 ? -4.833  -0.720  1.460   1.00 1.53 ? 12 A A H62    1 
ATOM 393 H H2     . A A 1 12 ? -4.302  0.858   -3.544  1.00 0.96 ? 12 A A H2     1 
ATOM 394 P P      . U A 1 13 ? -1.268  -6.713  -4.389  1.00 1.66 ? 13 U A P      1 
ATOM 395 O OP1    . U A 1 13 ? -0.782  -7.740  -5.339  1.00 1.88 ? 13 U A OP1    1 
ATOM 396 O OP2    . U A 1 13 ? -1.316  -7.014  -2.940  1.00 1.96 ? 13 U A OP2    1 
ATOM 397 O "O5'"  . U A 1 13 ? -0.392  -5.376  -4.599  1.00 1.70 ? 13 U A "O5'"  1 
ATOM 398 C "C5'"  . U A 1 13 ? -0.064  -4.918  -5.916  1.00 1.79 ? 13 U A "C5'"  1 
ATOM 399 C "C4'"  . U A 1 13 ? -0.187  -3.398  -6.036  1.00 1.52 ? 13 U A "C4'"  1 
ATOM 400 O "O4'"  . U A 1 13 ? -1.273  -2.883  -5.259  1.00 1.41 ? 13 U A "O4'"  1 
ATOM 401 C "C3'"  . U A 1 13 ? 1.034   -2.696  -5.466  1.00 1.50 ? 13 U A "C3'"  1 
ATOM 402 O "O3'"  . U A 1 13 ? 2.127   -2.724  -6.389  1.00 1.64 ? 13 U A "O3'"  1 
ATOM 403 C "C2'"  . U A 1 13 ? 0.494   -1.300  -5.223  1.00 1.29 ? 13 U A "C2'"  1 
ATOM 404 O "O2'"  . U A 1 13 ? 0.551   -0.500  -6.412  1.00 1.25 ? 13 U A "O2'"  1 
ATOM 405 C "C1'"  . U A 1 13 ? -0.945  -1.562  -4.796  1.00 1.23 ? 13 U A "C1'"  1 
ATOM 406 N N1     . U A 1 13 ? -1.086  -1.455  -3.326  1.00 1.23 ? 13 U A N1     1 
ATOM 407 C C2     . U A 1 13 ? -1.028  -0.188  -2.765  1.00 1.18 ? 13 U A C2     1 
ATOM 408 O O2     . U A 1 13 ? -0.863  0.825   -3.443  1.00 1.13 ? 13 U A O2     1 
ATOM 409 N N3     . U A 1 13 ? -1.160  -0.128  -1.390  1.00 1.21 ? 13 U A N3     1 
ATOM 410 C C4     . U A 1 13 ? -1.343  -1.202  -0.539  1.00 1.31 ? 13 U A C4     1 
ATOM 411 O O4     . U A 1 13 ? -1.448  -1.029  0.674   1.00 1.36 ? 13 U A O4     1 
ATOM 412 C C5     . U A 1 13 ? -1.393  -2.483  -1.206  1.00 1.36 ? 13 U A C5     1 
ATOM 413 C C6     . U A 1 13 ? -1.267  -2.571  -2.551  1.00 1.31 ? 13 U A C6     1 
ATOM 414 H "H5'"  . U A 1 13 ? -0.737  -5.385  -6.634  1.00 2.42 ? 13 U A "H5'"  1 
ATOM 415 H "H5''" . U A 1 13 ? 0.960   -5.211  -6.150  1.00 1.97 ? 13 U A "H5''" 1 
ATOM 416 H "H4'"  . U A 1 13 ? -0.322  -3.118  -7.079  1.00 1.49 ? 13 U A "H4'"  1 
ATOM 417 H "H3'"  . U A 1 13 ? 1.317   -3.155  -4.513  1.00 1.60 ? 13 U A "H3'"  1 
ATOM 418 H "H2'"  . U A 1 13 ? 1.046   -0.824  -4.409  1.00 1.30 ? 13 U A "H2'"  1 
ATOM 419 H "HO2'" . U A 1 13 ? -0.353  -0.309  -6.672  1.00 1.45 ? 13 U A "HO2'" 1 
ATOM 420 H "H1'"  . U A 1 13 ? -1.601  -0.836  -5.277  1.00 1.16 ? 13 U A "H1'"  1 
ATOM 421 H H3     . U A 1 13 ? -1.115  0.789   -0.968  1.00 1.17 ? 13 U A H3     1 
ATOM 422 H H5     . U A 1 13 ? -1.534  -3.390  -0.620  1.00 1.46 ? 13 U A H5     1 
ATOM 423 H H6     . U A 1 13 ? -1.304  -3.551  -3.029  1.00 1.36 ? 13 U A H6     1 
ATOM 424 P P      . C A 1 14 ? 3.466   -3.554  -6.047  1.00 2.17 ? 14 C A P      1 
ATOM 425 O OP1    . C A 1 14 ? 3.893   -4.267  -7.272  1.00 2.73 ? 14 C A OP1    1 
ATOM 426 O OP2    . C A 1 14 ? 3.238   -4.313  -4.796  1.00 2.98 ? 14 C A OP2    1 
ATOM 427 O "O5'"  . C A 1 14 ? 4.530   -2.384  -5.743  1.00 1.77 ? 14 C A "O5'"  1 
ATOM 428 C "C5'"  . C A 1 14 ? 5.144   -1.668  -6.818  1.00 1.81 ? 14 C A "C5'"  1 
ATOM 429 C "C4'"  . C A 1 14 ? 5.558   -0.258  -6.399  1.00 1.72 ? 14 C A "C4'"  1 
ATOM 430 O "O4'"  . C A 1 14 ? 4.477   0.445   -5.780  1.00 1.63 ? 14 C A "O4'"  1 
ATOM 431 C "C3'"  . C A 1 14 ? 6.659   -0.294  -5.350  1.00 1.69 ? 14 C A "C3'"  1 
ATOM 432 O "O3'"  . C A 1 14 ? 7.940   -0.429  -5.980  1.00 1.84 ? 14 C A "O3'"  1 
ATOM 433 C "C2'"  . C A 1 14 ? 6.468   1.030   -4.633  1.00 1.60 ? 14 C A "C2'"  1 
ATOM 434 O "O2'"  . C A 1 14 ? 7.175   2.089   -5.288  1.00 1.72 ? 14 C A "O2'"  1 
ATOM 435 C "C1'"  . C A 1 14 ? 4.961   1.249   -4.694  1.00 1.52 ? 14 C A "C1'"  1 
ATOM 436 N N1     . C A 1 14 ? 4.320   0.862   -3.417  1.00 1.39 ? 14 C A N1     1 
ATOM 437 C C2     . C A 1 14 ? 4.377   1.773   -2.368  1.00 1.28 ? 14 C A C2     1 
ATOM 438 O O2     . C A 1 14 ? 4.944   2.854   -2.515  1.00 1.32 ? 14 C A O2     1 
ATOM 439 N N3     . C A 1 14 ? 3.794   1.431   -1.187  1.00 1.19 ? 14 C A N3     1 
ATOM 440 C C4     . C A 1 14 ? 3.180   0.251   -1.037  1.00 1.22 ? 14 C A C4     1 
ATOM 441 N N4     . C A 1 14 ? 2.614   -0.047  0.132   1.00 1.18 ? 14 C A N4     1 
ATOM 442 C C5     . C A 1 14 ? 3.118   -0.690  -2.113  1.00 1.36 ? 14 C A C5     1 
ATOM 443 C C6     . C A 1 14 ? 3.697   -0.345  -3.278  1.00 1.43 ? 14 C A C6     1 
ATOM 444 H "H5'"  . C A 1 14 ? 4.440   -1.600  -7.647  1.00 1.93 ? 14 C A "H5'"  1 
ATOM 445 H "H5''" . C A 1 14 ? 6.030   -2.215  -7.147  1.00 1.86 ? 14 C A "H5''" 1 
ATOM 446 H "H4'"  . C A 1 14 ? 5.899   0.297   -7.271  1.00 1.81 ? 14 C A "H4'"  1 
ATOM 447 H "H3'"  . C A 1 14 ? 6.481   -1.120  -4.653  1.00 1.67 ? 14 C A "H3'"  1 
ATOM 448 H "H2'"  . C A 1 14 ? 6.789   0.938   -3.593  1.00 1.57 ? 14 C A "H2'"  1 
ATOM 449 H "HO2'" . C A 1 14 ? 7.714   2.526   -4.625  1.00 1.75 ? 14 C A "HO2'" 1 
ATOM 450 H "H1'"  . C A 1 14 ? 4.755   2.299   -4.901  1.00 1.54 ? 14 C A "H1'"  1 
ATOM 451 H H41    . C A 1 14 ? 2.654   0.613   0.895   1.00 1.12 ? 14 C A H41    1 
ATOM 452 H H42    . C A 1 14 ? 2.145   -0.932  0.255   1.00 1.26 ? 14 C A H42    1 
ATOM 453 H H5     . C A 1 14 ? 2.620   -1.652  -1.994  1.00 1.45 ? 14 C A H5     1 
ATOM 454 H H6     . C A 1 14 ? 3.668   -1.037  -4.120  1.00 1.56 ? 14 C A H6     1 
ATOM 455 P P      . C A 1 15 ? 8.871   -1.708  -5.667  1.00 2.25 ? 15 C A P      1 
ATOM 456 O OP1    . C A 1 15 ? 9.750   -1.942  -6.835  1.00 3.15 ? 15 C A OP1    1 
ATOM 457 O OP2    . C A 1 15 ? 8.009   -2.802  -5.162  1.00 2.89 ? 15 C A OP2    1 
ATOM 458 O "O5'"  . C A 1 15 ? 9.779   -1.176  -4.444  1.00 1.55 ? 15 C A "O5'"  1 
ATOM 459 C "C5'"  . C A 1 15 ? 11.042  -0.554  -4.693  1.00 1.44 ? 15 C A "C5'"  1 
ATOM 460 C "C4'"  . C A 1 15 ? 11.447  0.386   -3.558  1.00 1.38 ? 15 C A "C4'"  1 
ATOM 461 O "O4'"  . C A 1 15 ? 10.337  1.138   -3.057  1.00 1.49 ? 15 C A "O4'"  1 
ATOM 462 C "C3'"  . C A 1 15 ? 11.946  -0.393  -2.356  1.00 1.23 ? 15 C A "C3'"  1 
ATOM 463 O "O3'"  . C A 1 15 ? 13.307  -0.778  -2.575  1.00 1.52 ? 15 C A "O3'"  1 
ATOM 464 C "C2'"  . C A 1 15 ? 11.749  0.595   -1.223  1.00 1.24 ? 15 C A "C2'"  1 
ATOM 465 O "O2'"  . C A 1 15 ? 12.875  1.468   -1.092  1.00 1.63 ? 15 C A "O2'"  1 
ATOM 466 C "C1'"  . C A 1 15 ? 10.496  1.355   -1.646  1.00 1.35 ? 15 C A "C1'"  1 
ATOM 467 N N1     . C A 1 15 ? 9.312   0.875   -0.902  1.00 1.25 ? 15 C A N1     1 
ATOM 468 C C2     . C A 1 15 ? 9.042   1.456   0.330   1.00 1.27 ? 15 C A C2     1 
ATOM 469 O O2     . C A 1 15 ? 9.790   2.323   0.781   1.00 1.38 ? 15 C A O2     1 
ATOM 470 N N3     . C A 1 15 ? 7.944   1.034   1.018   1.00 1.33 ? 15 C A N3     1 
ATOM 471 C C4     . C A 1 15 ? 7.143   0.082   0.518   1.00 1.48 ? 15 C A C4     1 
ATOM 472 N N4     . C A 1 15 ? 6.066   -0.297  1.208   1.00 1.73 ? 15 C A N4     1 
ATOM 473 C C5     . C A 1 15 ? 7.419   -0.523  -0.748  1.00 1.51 ? 15 C A C5     1 
ATOM 474 C C6     . C A 1 15 ? 8.506   -0.101  -1.420  1.00 1.33 ? 15 C A C6     1 
ATOM 475 H "H5'"  . C A 1 15 ? 10.982  0.015   -5.621  1.00 1.65 ? 15 C A "H5'"  1 
ATOM 476 H "H5''" . C A 1 15 ? 11.805  -1.328  -4.800  1.00 1.74 ? 15 C A "H5''" 1 
ATOM 477 H "H4'"  . C A 1 15 ? 12.220  1.071   -3.902  1.00 1.59 ? 15 C A "H4'"  1 
ATOM 478 H "H3'"  . C A 1 15 ? 11.314  -1.271  -2.194  1.00 1.15 ? 15 C A "H3'"  1 
ATOM 479 H "H2'"  . C A 1 15 ? 11.564  0.058   -0.290  1.00 1.13 ? 15 C A "H2'"  1 
ATOM 480 H "HO2'" . C A 1 15 ? 13.563  0.978   -0.635  1.00 1.78 ? 15 C A "HO2'" 1 
ATOM 481 H "H1'"  . C A 1 15 ? 10.635  2.420   -1.456  1.00 1.62 ? 15 C A "H1'"  1 
ATOM 482 H H41    . C A 1 15 ? 5.864   0.126   2.103   1.00 1.73 ? 15 C A H41    1 
ATOM 483 H H42    . C A 1 15 ? 5.450   -1.006  0.835   1.00 1.95 ? 15 C A H42    1 
ATOM 484 H H5     . C A 1 15 ? 6.774   -1.304  -1.152  1.00 1.74 ? 15 C A H5     1 
ATOM 485 H H6     . C A 1 15 ? 8.749   -0.542  -2.387  1.00 1.39 ? 15 C A H6     1 
ATOM 486 P P      . C A 1 16 ? 13.748  -2.321  -2.432  1.00 2.06 ? 16 C A P      1 
ATOM 487 O OP1    . C A 1 16 ? 15.128  -2.458  -2.948  1.00 2.89 ? 16 C A OP1    1 
ATOM 488 O OP2    . C A 1 16 ? 12.668  -3.167  -2.988  1.00 2.88 ? 16 C A OP2    1 
ATOM 489 O "O5'"  . C A 1 16 ? 13.776  -2.529  -0.834  1.00 1.62 ? 16 C A "O5'"  1 
ATOM 490 C "C5'"  . C A 1 16 ? 14.972  -2.284  -0.086  1.00 2.17 ? 16 C A "C5'"  1 
ATOM 491 C "C4'"  . C A 1 16 ? 14.873  -2.831  1.341   1.00 2.40 ? 16 C A "C4'"  1 
ATOM 492 O "O4'"  . C A 1 16 ? 14.033  -2.023  2.173   1.00 2.16 ? 16 C A "O4'"  1 
ATOM 493 C "C3'"  . C A 1 16 ? 14.205  -4.198  1.369   1.00 2.41 ? 16 C A "C3'"  1 
ATOM 494 O "O3'"  . C A 1 16 ? 15.115  -5.269  1.097   1.00 3.04 ? 16 C A "O3'"  1 
ATOM 495 C "C2'"  . C A 1 16 ? 13.705  -4.281  2.798   1.00 2.48 ? 16 C A "C2'"  1 
ATOM 496 O "O2'"  . C A 1 16 ? 14.722  -4.766  3.684   1.00 3.18 ? 16 C A "O2'"  1 
ATOM 497 C "C1'"  . C A 1 16 ? 13.328  -2.844  3.121   1.00 2.06 ? 16 C A "C1'"  1 
ATOM 498 N N1     . C A 1 16 ? 11.866  -2.645  3.017   1.00 1.43 ? 16 C A N1     1 
ATOM 499 C C2     . C A 1 16 ? 11.126  -2.667  4.193   1.00 1.34 ? 16 C A C2     1 
ATOM 500 O O2     . C A 1 16 ? 11.680  -2.867  5.272   1.00 1.73 ? 16 C A O2     1 
ATOM 501 N N3     . C A 1 16 ? 9.781   -2.465  4.109   1.00 1.04 ? 16 C A N3     1 
ATOM 502 C C4     . C A 1 16 ? 9.187   -2.256  2.926   1.00 1.03 ? 16 C A C4     1 
ATOM 503 N N4     . C A 1 16 ? 7.873   -2.047  2.882   1.00 1.39 ? 16 C A N4     1 
ATOM 504 C C5     . C A 1 16 ? 9.944   -2.239  1.714   1.00 1.02 ? 16 C A C5     1 
ATOM 505 C C6     . C A 1 16 ? 11.273  -2.437  1.803   1.00 1.15 ? 16 C A C6     1 
ATOM 506 H "H5'"  . C A 1 16 ? 15.149  -1.210  -0.045  1.00 2.49 ? 16 C A "H5'"  1 
ATOM 507 H "H5''" . C A 1 16 ? 15.812  -2.762  -0.591  1.00 2.53 ? 16 C A "H5''" 1 
ATOM 508 H "H4'"  . C A 1 16 ? 15.868  -2.897  1.785   1.00 2.93 ? 16 C A "H4'"  1 
ATOM 509 H "H3'"  . C A 1 16 ? 13.362  -4.217  0.674   1.00 2.06 ? 16 C A "H3'"  1 
ATOM 510 H "H2'"  . C A 1 16 ? 12.817  -4.918  2.844   1.00 2.43 ? 16 C A "H2'"  1 
ATOM 511 H "HO2'" . C A 1 16 ? 14.294  -5.013  4.509   1.00 3.42 ? 16 C A "HO2'" 1 
ATOM 512 H "H1'"  . C A 1 16 ? 13.660  -2.600  4.132   1.00 2.37 ? 16 C A "H1'"  1 
ATOM 513 H H41    . C A 1 16 ? 7.330   -2.057  3.734   1.00 1.51 ? 16 C A H41    1 
ATOM 514 H H42    . C A 1 16 ? 7.418   -1.878  1.997   1.00 1.68 ? 16 C A H42    1 
ATOM 515 H H5     . C A 1 16 ? 9.461   -2.079  0.749   1.00 1.22 ? 16 C A H5     1 
ATOM 516 H H6     . C A 1 16 ? 11.881  -2.425  0.899   1.00 1.30 ? 16 C A H6     1 
ATOM 517 P P      . C A 1 17 ? 14.595  -6.627  0.407   1.00 3.33 ? 17 C A P      1 
ATOM 518 O OP1    . C A 1 17 ? 15.689  -7.164  -0.431  1.00 3.23 ? 17 C A OP1    1 
ATOM 519 O OP2    . C A 1 17 ? 13.266  -6.369  -0.196  1.00 3.77 ? 17 C A OP2    1 
ATOM 520 O "O5'"  . C A 1 17 ? 14.390  -7.606  1.678   1.00 3.92 ? 17 C A "O5'"  1 
ATOM 521 C "C5'"  . C A 1 17 ? 13.079  -7.836  2.208   1.00 4.12 ? 17 C A "C5'"  1 
ATOM 522 C "C4'"  . C A 1 17 ? 13.021  -7.640  3.730   1.00 4.15 ? 17 C A "C4'"  1 
ATOM 523 O "O4'"  . C A 1 17 ? 12.602  -6.314  4.073   1.00 3.43 ? 17 C A "O4'"  1 
ATOM 524 C "C3'"  . C A 1 17 ? 11.972  -8.544  4.368   1.00 4.52 ? 17 C A "C3'"  1 
ATOM 525 O "O3'"  . C A 1 17 ? 12.547  -9.770  4.821   1.00 5.32 ? 17 C A "O3'"  1 
ATOM 526 C "C2'"  . C A 1 17 ? 11.428  -7.719  5.527   1.00 4.21 ? 17 C A "C2'"  1 
ATOM 527 O "O2'"  . C A 1 17 ? 12.212  -7.897  6.712   1.00 4.66 ? 17 C A "O2'"  1 
ATOM 528 C "C1'"  . C A 1 17 ? 11.520  -6.290  5.015   1.00 3.39 ? 17 C A "C1'"  1 
ATOM 529 N N1     . C A 1 17 ? 10.244  -5.862  4.380   1.00 2.91 ? 17 C A N1     1 
ATOM 530 C C2     . C A 1 17 ? 9.175   -5.567  5.219   1.00 2.90 ? 17 C A C2     1 
ATOM 531 O O2     . C A 1 17 ? 9.301   -5.654  6.441   1.00 3.18 ? 17 C A O2     1 
ATOM 532 N N3     . C A 1 17 ? 7.996   -5.184  4.654   1.00 2.73 ? 17 C A N3     1 
ATOM 533 C C4     . C A 1 17 ? 7.865   -5.090  3.324   1.00 2.63 ? 17 C A C4     1 
ATOM 534 N N4     . C A 1 17 ? 6.698   -4.705  2.807   1.00 2.82 ? 17 C A N4     1 
ATOM 535 C C5     . C A 1 17 ? 8.959   -5.389  2.456   1.00 2.53 ? 17 C A C5     1 
ATOM 536 C C6     . C A 1 17 ? 10.124  -5.768  3.021   1.00 2.66 ? 17 C A C6     1 
ATOM 537 H "H5'"  . C A 1 17 ? 12.775  -8.855  1.967   1.00 4.55 ? 17 C A "H5'"  1 
ATOM 538 H "H5''" . C A 1 17 ? 12.388  -7.140  1.737   1.00 4.15 ? 17 C A "H5''" 1 
ATOM 539 H "H4'"  . C A 1 17 ? 13.999  -7.837  4.169   1.00 4.53 ? 17 C A "H4'"  1 
ATOM 540 H "H3'"  . C A 1 17 ? 11.172  -8.740  3.651   1.00 4.44 ? 17 C A "H3'"  1 
ATOM 541 H "HO3'" . C A 1 17 ? 12.711  -10.310 4.046   1.00 5.57 ? 17 C A "HO3'" 1 
ATOM 542 H "H2'"  . C A 1 17 ? 10.383  -7.983  5.715   1.00 4.27 ? 17 C A "H2'"  1 
ATOM 543 H "HO2'" . C A 1 17 ? 11.664  -7.649  7.461   1.00 4.85 ? 17 C A "HO2'" 1 
ATOM 544 H "H1'"  . C A 1 17 ? 11.764  -5.621  5.841   1.00 3.30 ? 17 C A "H1'"  1 
ATOM 545 H H41    . C A 1 17 ? 5.923   -4.487  3.415   1.00 2.98 ? 17 C A H41    1 
ATOM 546 H H42    . C A 1 17 ? 6.591   -4.627  1.804   1.00 2.91 ? 17 C A H42    1 
ATOM 547 H H5     . C A 1 17 ? 8.858   -5.308  1.374   1.00 2.51 ? 17 C A H5     1 
ATOM 548 H H6     . C A 1 17 ? 10.977  -5.998  2.387   1.00 2.71 ? 17 C A H6     1 
# 
